data_7WBG
#
_entry.id   7WBG
#
_cell.length_a   78.127
_cell.length_b   85.025
_cell.length_c   110.838
_cell.angle_alpha   90.000
_cell.angle_beta   90.000
_cell.angle_gamma   90.000
#
_symmetry.space_group_name_H-M   'P 21 21 21'
#
loop_
_entity.id
_entity.type
_entity.pdbx_description
1 polymer 'MHC class I alpha chain 2'
2 polymer Beta-2-microglobulin
3 polymer ARG-ARG-ARG-GLU-GLN-THR-ASP-TYR
4 water water
#
loop_
_entity_poly.entity_id
_entity_poly.type
_entity_poly.pdbx_seq_one_letter_code
_entity_poly.pdbx_strand_id
1 'polypeptide(L)'
;ELHTLRYISTAMTDPGPGQPWFVDVGYVDGELFTHYNSTARRAVPRTEWIAANTDQQYWDSETQTSQRSEQIDRDGLGIL
QRRYNQTGGSHTVQWMYGCDILEDGTIRGYRQYAYDGRDFIAFDKGTMTFTAAVPEAVPTKRKWEEGDYAEGLKQYLEET
CVEWLRRYVEYGKAELGRRERPEVRVWGKEADGILTLSCRAHGFYPRPIAVSWLKDGAVRGQDAQSGGIVPNGDGTYHTW
VTIDAQPGDGDKYQCRVEHASLPQPGLYSW
;
A,D
2 'polypeptide(L)'
;DLTPKVQVYSRFPASAGTKNVLNCFAAGFHPPKISITLMKDGVPMEGAQYSDMSFNDDWTFQRLVHADFTPSSGSTYACK
VEHETLKEPQVYKWDPEF
;
B,E
3 'polypeptide(L)' RRREQTDY C,F
#
# COMPACT_ATOMS: atom_id res chain seq x y z
N GLU A 1 -21.21 24.06 -5.41
CA GLU A 1 -21.64 23.95 -4.02
C GLU A 1 -21.62 22.51 -3.57
N LEU A 2 -21.74 21.59 -4.52
CA LEU A 2 -21.55 20.18 -4.22
C LEU A 2 -20.06 19.88 -4.15
N HIS A 3 -19.66 19.19 -3.10
CA HIS A 3 -18.28 18.78 -2.93
C HIS A 3 -18.28 17.30 -2.58
N THR A 4 -17.20 16.60 -2.97
CA THR A 4 -17.10 15.16 -2.74
C THR A 4 -15.69 14.80 -2.28
N LEU A 5 -15.61 13.88 -1.33
CA LEU A 5 -14.35 13.27 -0.93
C LEU A 5 -14.53 11.78 -1.14
N ARG A 6 -13.66 11.17 -1.94
CA ARG A 6 -13.78 9.75 -2.24
C ARG A 6 -12.41 9.08 -2.13
N TYR A 7 -12.35 8.00 -1.36
CA TYR A 7 -11.16 7.15 -1.26
C TYR A 7 -11.50 5.78 -1.83
N ILE A 8 -10.57 5.21 -2.62
CA ILE A 8 -10.71 3.87 -3.16
C ILE A 8 -9.43 3.08 -2.89
N SER A 9 -9.57 1.75 -2.74
CA SER A 9 -8.42 0.89 -2.56
C SER A 9 -8.62 -0.37 -3.39
N THR A 10 -7.52 -0.87 -3.94
CA THR A 10 -7.52 -2.11 -4.70
C THR A 10 -6.44 -3.03 -4.14
N ALA A 11 -6.80 -4.29 -3.92
CA ALA A 11 -5.85 -5.34 -3.50
C ALA A 11 -5.92 -6.47 -4.51
N MET A 12 -4.78 -6.79 -5.12
CA MET A 12 -4.71 -7.69 -6.27
C MET A 12 -3.80 -8.87 -5.97
N THR A 13 -4.23 -10.07 -6.37
CA THR A 13 -3.29 -11.19 -6.40
C THR A 13 -2.42 -11.18 -7.66
N ASP A 14 -2.82 -10.46 -8.71
CA ASP A 14 -2.15 -10.50 -10.01
C ASP A 14 -2.09 -9.10 -10.63
N PRO A 15 -1.32 -8.18 -10.02
CA PRO A 15 -1.27 -6.81 -10.57
C PRO A 15 -0.46 -6.67 -11.85
N GLY A 16 0.36 -7.67 -12.21
CA GLY A 16 1.22 -7.54 -13.35
C GLY A 16 2.68 -7.37 -12.95
N PRO A 17 3.58 -7.73 -13.86
CA PRO A 17 5.02 -7.69 -13.53
C PRO A 17 5.47 -6.32 -13.03
N GLY A 18 6.13 -6.31 -11.87
CA GLY A 18 6.65 -5.10 -11.29
C GLY A 18 5.62 -4.08 -10.85
N GLN A 19 4.39 -4.45 -10.78
CA GLN A 19 3.30 -3.57 -10.38
C GLN A 19 2.91 -3.80 -8.93
N PRO A 20 2.52 -2.76 -8.19
CA PRO A 20 2.16 -2.96 -6.79
C PRO A 20 0.83 -3.67 -6.66
N TRP A 21 0.75 -4.60 -5.71
CA TRP A 21 -0.48 -5.35 -5.54
C TRP A 21 -1.54 -4.59 -4.74
N PHE A 22 -1.17 -3.55 -3.98
CA PHE A 22 -2.11 -2.76 -3.19
C PHE A 22 -1.97 -1.30 -3.55
N VAL A 23 -3.08 -0.67 -3.94
CA VAL A 23 -3.08 0.71 -4.43
C VAL A 23 -4.31 1.41 -3.88
N ASP A 24 -4.11 2.61 -3.31
CA ASP A 24 -5.26 3.41 -2.93
C ASP A 24 -5.03 4.85 -3.38
N VAL A 25 -6.15 5.55 -3.64
CA VAL A 25 -6.11 6.96 -4.07
C VAL A 25 -7.29 7.68 -3.46
N GLY A 26 -7.15 9.00 -3.32
CA GLY A 26 -8.22 9.82 -2.80
C GLY A 26 -8.47 10.96 -3.78
N TYR A 27 -9.74 11.37 -3.85
CA TYR A 27 -10.19 12.40 -4.78
C TYR A 27 -11.02 13.44 -4.05
N VAL A 28 -10.77 14.72 -4.34
CA VAL A 28 -11.61 15.80 -3.86
C VAL A 28 -12.23 16.48 -5.06
N ASP A 29 -13.57 16.55 -5.08
CA ASP A 29 -14.33 17.04 -6.23
C ASP A 29 -13.82 16.43 -7.52
N GLY A 30 -13.51 15.14 -7.47
CA GLY A 30 -13.04 14.39 -8.62
C GLY A 30 -11.58 14.59 -8.99
N GLU A 31 -10.84 15.41 -8.25
CA GLU A 31 -9.42 15.64 -8.52
C GLU A 31 -8.59 14.72 -7.63
N LEU A 32 -7.72 13.93 -8.25
CA LEU A 32 -6.85 13.06 -7.48
C LEU A 32 -5.89 13.87 -6.63
N PHE A 33 -5.87 13.60 -5.32
CA PHE A 33 -5.05 14.41 -4.44
C PHE A 33 -4.17 13.61 -3.49
N THR A 34 -4.32 12.29 -3.41
CA THR A 34 -3.39 11.50 -2.61
C THR A 34 -3.32 10.08 -3.15
N HIS A 35 -2.22 9.39 -2.84
CA HIS A 35 -1.98 8.04 -3.36
C HIS A 35 -1.08 7.27 -2.40
N TYR A 36 -1.28 5.96 -2.36
CA TYR A 36 -0.43 5.05 -1.61
C TYR A 36 -0.31 3.77 -2.44
N ASN A 37 0.86 3.14 -2.44
CA ASN A 37 0.92 1.75 -2.90
C ASN A 37 1.86 0.94 -2.02
N SER A 38 1.78 -0.38 -2.19
CA SER A 38 2.51 -1.35 -1.38
C SER A 38 3.98 -1.43 -1.74
N THR A 39 4.41 -0.82 -2.83
CA THR A 39 5.82 -0.78 -3.17
C THR A 39 6.52 0.37 -2.45
N ALA A 40 6.05 1.60 -2.66
CA ALA A 40 6.66 2.73 -1.96
C ALA A 40 6.23 2.77 -0.49
N ARG A 41 5.04 2.27 -0.16
CA ARG A 41 4.58 2.19 1.23
C ARG A 41 4.55 3.56 1.89
N ARG A 42 4.25 4.59 1.12
CA ARG A 42 4.04 5.95 1.65
C ARG A 42 2.77 6.52 1.04
N ALA A 43 1.94 7.14 1.87
CA ALA A 43 0.87 7.98 1.35
C ALA A 43 1.47 9.34 0.99
N VAL A 44 1.19 9.82 -0.22
CA VAL A 44 1.85 11.02 -0.74
C VAL A 44 0.81 11.99 -1.28
N PRO A 45 1.14 13.28 -1.33
CA PRO A 45 0.27 14.26 -1.98
C PRO A 45 0.33 14.18 -3.49
N ARG A 46 -0.78 14.55 -4.12
CA ARG A 46 -0.86 14.59 -5.58
C ARG A 46 -1.34 15.92 -6.13
N THR A 47 -1.57 16.92 -5.27
CA THR A 47 -1.81 18.28 -5.74
C THR A 47 -0.94 19.24 -4.95
N GLU A 48 -0.71 20.41 -5.54
CA GLU A 48 0.03 21.46 -4.86
C GLU A 48 -0.71 21.94 -3.61
N TRP A 49 -2.04 22.06 -3.70
CA TRP A 49 -2.80 22.63 -2.59
C TRP A 49 -2.87 21.69 -1.38
N ILE A 50 -2.85 20.37 -1.57
CA ILE A 50 -2.84 19.52 -0.39
C ILE A 50 -1.44 19.54 0.26
N ALA A 51 -0.39 19.52 -0.56
CA ALA A 51 0.96 19.54 -0.02
C ALA A 51 1.23 20.83 0.75
N ALA A 52 0.78 21.97 0.23
CA ALA A 52 1.04 23.25 0.88
C ALA A 52 0.36 23.37 2.25
N ASN A 53 -0.76 22.67 2.47
CA ASN A 53 -1.57 22.88 3.66
C ASN A 53 -1.51 21.73 4.66
N THR A 54 -0.63 20.76 4.45
CA THR A 54 -0.44 19.65 5.35
C THR A 54 1.01 19.62 5.81
N ASP A 55 1.30 18.73 6.74
CA ASP A 55 2.59 18.69 7.42
C ASP A 55 3.05 17.25 7.49
N GLN A 56 4.26 17.06 8.03
CA GLN A 56 4.83 15.72 8.13
C GLN A 56 3.93 14.78 8.92
N GLN A 57 3.31 15.28 10.00
CA GLN A 57 2.53 14.38 10.83
C GLN A 57 1.28 13.91 10.10
N TYR A 58 0.67 14.78 9.29
CA TYR A 58 -0.43 14.36 8.41
C TYR A 58 -0.03 13.19 7.52
N TRP A 59 1.10 13.31 6.83
CA TRP A 59 1.49 12.25 5.91
C TRP A 59 1.95 10.99 6.64
N ASP A 60 2.60 11.13 7.80
CA ASP A 60 2.89 9.94 8.62
C ASP A 60 1.60 9.23 9.04
N SER A 61 0.58 9.99 9.42
CA SER A 61 -0.68 9.39 9.85
C SER A 61 -1.40 8.72 8.69
N GLU A 62 -1.53 9.41 7.55
CA GLU A 62 -2.12 8.80 6.37
C GLU A 62 -1.36 7.54 5.98
N THR A 63 -0.03 7.60 6.05
CA THR A 63 0.78 6.43 5.73
C THR A 63 0.50 5.27 6.68
N GLN A 64 0.36 5.56 7.97
CA GLN A 64 0.02 4.52 8.93
C GLN A 64 -1.33 3.86 8.61
N THR A 65 -2.35 4.67 8.26
CA THR A 65 -3.66 4.11 7.95
C THR A 65 -3.59 3.22 6.72
N SER A 66 -2.93 3.69 5.65
CA SER A 66 -2.78 2.88 4.46
C SER A 66 -2.01 1.60 4.72
N GLN A 67 -0.92 1.67 5.49
CA GLN A 67 -0.14 0.46 5.79
C GLN A 67 -0.97 -0.53 6.60
N ARG A 68 -1.75 -0.05 7.56
CA ARG A 68 -2.64 -0.96 8.30
C ARG A 68 -3.70 -1.54 7.37
N SER A 69 -4.30 -0.71 6.51
CA SER A 69 -5.26 -1.19 5.53
C SER A 69 -4.64 -2.22 4.59
N GLU A 70 -3.41 -1.96 4.15
CA GLU A 70 -2.71 -2.93 3.30
C GLU A 70 -2.62 -4.29 3.99
N GLN A 71 -2.23 -4.31 5.28
CA GLN A 71 -2.07 -5.60 5.96
C GLN A 71 -3.40 -6.33 6.12
N ILE A 72 -4.48 -5.59 6.38
CA ILE A 72 -5.77 -6.25 6.56
C ILE A 72 -6.25 -6.83 5.23
N ASP A 73 -5.95 -6.17 4.10
CA ASP A 73 -6.32 -6.71 2.79
C ASP A 73 -5.42 -7.86 2.38
N ARG A 74 -4.15 -7.85 2.81
CA ARG A 74 -3.30 -9.03 2.59
C ARG A 74 -3.92 -10.24 3.27
N ASP A 75 -4.32 -10.08 4.53
CA ASP A 75 -5.06 -11.13 5.23
C ASP A 75 -6.37 -11.45 4.51
N GLY A 76 -7.09 -10.40 4.10
CA GLY A 76 -8.41 -10.59 3.52
C GLY A 76 -8.37 -11.37 2.22
N LEU A 77 -7.36 -11.13 1.38
CA LEU A 77 -7.27 -11.87 0.12
C LEU A 77 -7.17 -13.36 0.38
N GLY A 78 -6.44 -13.75 1.42
CA GLY A 78 -6.35 -15.16 1.79
C GLY A 78 -7.63 -15.69 2.44
N ILE A 79 -8.18 -14.95 3.40
CA ILE A 79 -9.45 -15.32 4.03
C ILE A 79 -10.50 -15.58 2.96
N LEU A 80 -10.63 -14.67 2.00
CA LEU A 80 -11.70 -14.78 1.01
C LEU A 80 -11.43 -15.90 0.02
N GLN A 81 -10.18 -16.05 -0.43
CA GLN A 81 -9.86 -17.18 -1.30
C GLN A 81 -10.19 -18.50 -0.62
N ARG A 82 -9.92 -18.62 0.69
CA ARG A 82 -10.29 -19.84 1.39
C ARG A 82 -11.80 -19.98 1.51
N ARG A 83 -12.51 -18.89 1.80
CA ARG A 83 -13.98 -18.97 1.88
C ARG A 83 -14.57 -19.42 0.56
N TYR A 84 -13.98 -18.99 -0.54
CA TYR A 84 -14.49 -19.28 -1.87
C TYR A 84 -13.99 -20.60 -2.43
N ASN A 85 -13.17 -21.34 -1.68
CA ASN A 85 -12.55 -22.58 -2.14
C ASN A 85 -11.75 -22.34 -3.42
N GLN A 86 -10.96 -21.27 -3.39
CA GLN A 86 -10.06 -20.94 -4.49
C GLN A 86 -8.63 -21.24 -4.05
N THR A 87 -7.81 -21.72 -4.97
CA THR A 87 -6.44 -22.11 -4.64
C THR A 87 -5.39 -21.32 -5.39
N GLY A 88 -5.79 -20.34 -6.19
CA GLY A 88 -4.84 -19.52 -6.91
C GLY A 88 -5.61 -18.57 -7.82
N GLY A 89 -4.94 -18.13 -8.86
CA GLY A 89 -5.60 -17.34 -9.88
C GLY A 89 -5.65 -15.87 -9.56
N SER A 90 -6.35 -15.15 -10.43
CA SER A 90 -6.43 -13.71 -10.33
C SER A 90 -7.66 -13.35 -9.49
N HIS A 91 -7.44 -12.68 -8.36
CA HIS A 91 -8.55 -12.21 -7.54
C HIS A 91 -8.26 -10.80 -7.04
N THR A 92 -9.33 -10.05 -6.80
CA THR A 92 -9.20 -8.66 -6.40
C THR A 92 -10.22 -8.31 -5.33
N VAL A 93 -9.78 -7.55 -4.34
CA VAL A 93 -10.66 -6.88 -3.39
C VAL A 93 -10.63 -5.40 -3.73
N GLN A 94 -11.79 -4.76 -3.72
CA GLN A 94 -11.88 -3.32 -3.91
C GLN A 94 -12.78 -2.72 -2.85
N TRP A 95 -12.48 -1.50 -2.44
CA TRP A 95 -13.44 -0.77 -1.63
C TRP A 95 -13.34 0.71 -1.93
N MET A 96 -14.45 1.40 -1.68
CA MET A 96 -14.54 2.84 -1.87
C MET A 96 -15.45 3.39 -0.81
N TYR A 97 -15.13 4.59 -0.33
CA TYR A 97 -15.89 5.21 0.74
C TYR A 97 -15.67 6.71 0.62
N GLY A 98 -16.50 7.45 1.34
CA GLY A 98 -16.31 8.88 1.37
C GLY A 98 -17.61 9.58 1.68
N CYS A 99 -17.65 10.86 1.34
CA CYS A 99 -18.81 11.64 1.72
C CYS A 99 -19.03 12.71 0.66
N ASP A 100 -20.30 13.16 0.56
CA ASP A 100 -20.70 14.20 -0.36
C ASP A 100 -21.44 15.28 0.43
N ILE A 101 -21.16 16.53 0.10
CA ILE A 101 -21.90 17.67 0.63
C ILE A 101 -22.80 18.13 -0.52
N LEU A 102 -24.11 17.97 -0.35
CA LEU A 102 -25.05 18.23 -1.41
C LEU A 102 -25.40 19.72 -1.51
N GLU A 103 -25.94 20.11 -2.66
CA GLU A 103 -26.24 21.52 -2.86
C GLU A 103 -27.26 22.08 -1.88
N ASP A 104 -27.96 21.21 -1.15
CA ASP A 104 -28.96 21.61 -0.17
C ASP A 104 -28.44 21.62 1.26
N GLY A 105 -27.16 21.32 1.47
CA GLY A 105 -26.61 21.24 2.81
C GLY A 105 -26.66 19.87 3.45
N THR A 106 -27.40 18.93 2.88
CA THR A 106 -27.43 17.57 3.40
C THR A 106 -26.15 16.83 3.00
N ILE A 107 -25.88 15.75 3.74
CA ILE A 107 -24.63 15.01 3.64
C ILE A 107 -24.93 13.57 3.26
N ARG A 108 -24.14 13.04 2.31
CA ARG A 108 -24.14 11.62 1.95
C ARG A 108 -22.83 11.00 2.42
N GLY A 109 -22.90 9.78 2.94
CA GLY A 109 -21.70 9.00 3.24
C GLY A 109 -21.90 7.55 2.87
N TYR A 110 -20.81 6.89 2.48
CA TYR A 110 -20.91 5.53 1.98
C TYR A 110 -19.61 4.79 2.23
N ARG A 111 -19.69 3.46 2.27
CA ARG A 111 -18.53 2.57 2.26
C ARG A 111 -18.98 1.22 1.72
N GLN A 112 -18.36 0.76 0.65
CA GLN A 112 -18.77 -0.49 0.02
C GLN A 112 -17.56 -1.25 -0.47
N TYR A 113 -17.74 -2.58 -0.62
CA TYR A 113 -16.69 -3.52 -0.97
C TYR A 113 -17.11 -4.37 -2.15
N ALA A 114 -16.13 -4.83 -2.90
CA ALA A 114 -16.35 -5.79 -3.98
C ALA A 114 -15.27 -6.85 -3.92
N TYR A 115 -15.64 -8.06 -4.31
CA TYR A 115 -14.67 -9.14 -4.51
C TYR A 115 -14.78 -9.58 -5.96
N ASP A 116 -13.63 -9.69 -6.64
CA ASP A 116 -13.58 -10.01 -8.07
C ASP A 116 -14.57 -9.17 -8.86
N GLY A 117 -14.62 -7.87 -8.56
CA GLY A 117 -15.35 -6.96 -9.40
C GLY A 117 -16.85 -6.93 -9.24
N ARG A 118 -17.41 -7.62 -8.24
CA ARG A 118 -18.85 -7.60 -7.99
C ARG A 118 -19.10 -7.29 -6.52
N ASP A 119 -20.29 -6.78 -6.24
CA ASP A 119 -20.64 -6.35 -4.88
C ASP A 119 -20.37 -7.47 -3.88
N PHE A 120 -19.79 -7.09 -2.74
CA PHE A 120 -19.49 -8.03 -1.65
C PHE A 120 -20.20 -7.63 -0.36
N ILE A 121 -19.92 -6.46 0.20
CA ILE A 121 -20.65 -5.96 1.35
C ILE A 121 -20.69 -4.44 1.28
N ALA A 122 -21.72 -3.84 1.88
CA ALA A 122 -21.85 -2.38 1.87
C ALA A 122 -22.51 -1.92 3.16
N PHE A 123 -22.14 -0.71 3.60
CA PHE A 123 -22.59 -0.13 4.85
C PHE A 123 -23.63 0.94 4.61
N ASP A 124 -24.73 0.89 5.36
CA ASP A 124 -25.70 1.97 5.38
C ASP A 124 -25.63 2.70 6.72
N LYS A 125 -25.05 3.90 6.70
CA LYS A 125 -24.75 4.58 7.95
C LYS A 125 -26.03 5.04 8.66
N GLY A 126 -27.07 5.38 7.90
CA GLY A 126 -28.28 5.90 8.52
C GLY A 126 -29.04 4.86 9.32
N THR A 127 -28.89 3.59 8.97
CA THR A 127 -29.54 2.53 9.71
C THR A 127 -28.55 1.64 10.44
N MET A 128 -27.24 1.86 10.25
CA MET A 128 -26.21 1.01 10.85
C MET A 128 -26.41 -0.46 10.48
N THR A 129 -26.59 -0.69 9.19
CA THR A 129 -26.78 -2.03 8.66
C THR A 129 -25.72 -2.31 7.61
N PHE A 130 -25.42 -3.59 7.42
CA PHE A 130 -24.59 -4.05 6.32
C PHE A 130 -25.43 -4.92 5.40
N THR A 131 -25.23 -4.77 4.10
CA THR A 131 -25.87 -5.65 3.12
C THR A 131 -24.81 -6.59 2.57
N ALA A 132 -24.96 -7.88 2.85
CA ALA A 132 -24.10 -8.92 2.31
C ALA A 132 -24.67 -9.39 0.97
N ALA A 133 -23.94 -9.10 -0.13
CA ALA A 133 -24.41 -9.41 -1.47
C ALA A 133 -24.28 -10.88 -1.82
N VAL A 134 -23.37 -11.60 -1.16
CA VAL A 134 -23.09 -13.00 -1.47
C VAL A 134 -22.91 -13.73 -0.15
N PRO A 135 -23.05 -15.06 -0.16
CA PRO A 135 -22.91 -15.81 1.10
C PRO A 135 -21.54 -15.69 1.74
N GLU A 136 -20.48 -15.55 0.94
CA GLU A 136 -19.14 -15.40 1.49
C GLU A 136 -18.96 -14.10 2.27
N ALA A 137 -19.88 -13.16 2.12
CA ALA A 137 -19.83 -11.91 2.87
C ALA A 137 -20.53 -11.99 4.21
N VAL A 138 -21.36 -13.01 4.44
CA VAL A 138 -22.12 -13.09 5.69
C VAL A 138 -21.21 -13.23 6.90
N PRO A 139 -20.15 -14.07 6.91
CA PRO A 139 -19.28 -14.10 8.09
C PRO A 139 -18.62 -12.76 8.36
N THR A 140 -18.32 -12.00 7.31
CA THR A 140 -17.77 -10.65 7.51
C THR A 140 -18.81 -9.75 8.16
N LYS A 141 -20.03 -9.75 7.61
CA LYS A 141 -21.12 -8.97 8.20
C LYS A 141 -21.28 -9.26 9.68
N ARG A 142 -21.23 -10.55 10.05
CA ARG A 142 -21.37 -10.94 11.45
C ARG A 142 -20.31 -10.27 12.33
N LYS A 143 -19.06 -10.21 11.87
CA LYS A 143 -18.03 -9.50 12.63
C LYS A 143 -18.29 -8.00 12.65
N TRP A 144 -18.56 -7.42 11.48
CA TRP A 144 -18.63 -5.97 11.40
C TRP A 144 -19.85 -5.42 12.12
N GLU A 145 -20.84 -6.27 12.40
CA GLU A 145 -22.00 -5.85 13.19
C GLU A 145 -21.72 -5.81 14.69
N GLU A 146 -20.55 -6.25 15.14
CA GLU A 146 -20.21 -6.31 16.55
C GLU A 146 -19.06 -5.36 16.86
N GLY A 147 -18.90 -5.07 18.14
CA GLY A 147 -17.75 -4.25 18.47
C GLY A 147 -17.95 -2.79 18.11
N ASP A 148 -16.84 -2.05 18.12
CA ASP A 148 -16.86 -0.61 17.91
C ASP A 148 -17.01 -0.23 16.44
N TYR A 149 -17.00 -1.21 15.53
CA TYR A 149 -16.69 -0.88 14.15
C TYR A 149 -17.76 0.04 13.55
N ALA A 150 -19.04 -0.33 13.69
CA ALA A 150 -20.08 0.33 12.90
C ALA A 150 -20.37 1.72 13.43
N GLU A 151 -20.41 1.89 14.74
CA GLU A 151 -20.58 3.24 15.27
C GLU A 151 -19.42 4.13 14.89
N GLY A 152 -18.20 3.61 14.94
CA GLY A 152 -17.06 4.40 14.55
C GLY A 152 -17.08 4.75 13.08
N LEU A 153 -17.50 3.80 12.24
CA LEU A 153 -17.60 4.08 10.81
C LEU A 153 -18.65 5.15 10.53
N LYS A 154 -19.80 5.04 11.17
CA LYS A 154 -20.84 6.05 11.00
C LYS A 154 -20.33 7.44 11.37
N GLN A 155 -19.65 7.53 12.50
CA GLN A 155 -19.11 8.81 12.94
C GLN A 155 -18.06 9.35 11.98
N TYR A 156 -17.21 8.47 11.45
CA TYR A 156 -16.24 8.89 10.44
C TYR A 156 -16.96 9.45 9.23
N LEU A 157 -17.95 8.72 8.71
CA LEU A 157 -18.60 9.14 7.47
C LEU A 157 -19.35 10.45 7.64
N GLU A 158 -20.00 10.64 8.79
CA GLU A 158 -20.86 11.81 9.02
C GLU A 158 -20.12 13.01 9.60
N GLU A 159 -19.03 12.79 10.32
CA GLU A 159 -18.32 13.88 10.98
C GLU A 159 -16.91 14.02 10.42
N THR A 160 -16.03 13.05 10.66
CA THR A 160 -14.63 13.21 10.27
C THR A 160 -14.48 13.44 8.77
N CYS A 161 -15.10 12.58 7.95
CA CYS A 161 -15.00 12.73 6.50
C CYS A 161 -15.48 14.10 6.04
N VAL A 162 -16.61 14.56 6.57
CA VAL A 162 -17.16 15.85 6.16
C VAL A 162 -16.24 16.98 6.61
N GLU A 163 -15.77 16.93 7.86
CA GLU A 163 -14.85 17.96 8.36
C GLU A 163 -13.61 18.07 7.49
N TRP A 164 -13.02 16.92 7.10
CA TRP A 164 -11.84 16.96 6.24
C TRP A 164 -12.18 17.46 4.84
N LEU A 165 -13.30 17.00 4.28
CA LEU A 165 -13.72 17.52 2.97
C LEU A 165 -13.83 19.05 2.98
N ARG A 166 -14.36 19.62 4.07
CA ARG A 166 -14.46 21.07 4.16
C ARG A 166 -13.08 21.72 4.20
N ARG A 167 -12.15 21.13 4.96
CA ARG A 167 -10.78 21.62 4.96
C ARG A 167 -10.19 21.57 3.56
N TYR A 168 -10.30 20.41 2.89
CA TYR A 168 -9.68 20.24 1.57
C TYR A 168 -10.20 21.25 0.55
N VAL A 169 -11.51 21.51 0.55
CA VAL A 169 -12.02 22.43 -0.46
C VAL A 169 -11.57 23.84 -0.15
N GLU A 170 -11.37 24.16 1.13
CA GLU A 170 -10.78 25.46 1.48
C GLU A 170 -9.32 25.51 1.02
N TYR A 171 -8.52 24.48 1.33
CA TYR A 171 -7.15 24.45 0.85
C TYR A 171 -7.09 24.64 -0.67
N GLY A 172 -7.96 23.94 -1.41
CA GLY A 172 -7.90 23.94 -2.86
C GLY A 172 -8.83 24.91 -3.56
N LYS A 173 -9.43 25.86 -2.84
CA LYS A 173 -10.51 26.69 -3.40
C LYS A 173 -10.11 27.33 -4.73
N ALA A 174 -8.88 27.84 -4.83
CA ALA A 174 -8.46 28.49 -6.07
C ALA A 174 -8.47 27.50 -7.24
N GLU A 175 -7.71 26.41 -7.10
CA GLU A 175 -7.63 25.45 -8.20
C GLU A 175 -8.98 24.78 -8.47
N LEU A 176 -9.71 24.40 -7.41
CA LEU A 176 -10.97 23.69 -7.61
C LEU A 176 -12.04 24.57 -8.24
N GLY A 177 -12.07 25.87 -7.92
CA GLY A 177 -13.05 26.77 -8.47
C GLY A 177 -12.72 27.40 -9.82
N ARG A 178 -11.58 27.08 -10.41
CA ARG A 178 -11.19 27.71 -11.67
C ARG A 178 -12.06 27.22 -12.83
N ARG A 179 -11.97 27.93 -13.95
CA ARG A 179 -12.57 27.50 -15.21
C ARG A 179 -11.51 27.53 -16.29
N GLU A 180 -11.50 26.48 -17.11
CA GLU A 180 -10.65 26.43 -18.29
C GLU A 180 -11.52 26.16 -19.50
N ARG A 181 -11.35 26.96 -20.56
CA ARG A 181 -12.21 26.87 -21.73
C ARG A 181 -11.73 25.75 -22.63
N PRO A 182 -12.64 24.91 -23.12
CA PRO A 182 -12.22 23.86 -24.06
C PRO A 182 -11.87 24.47 -25.40
N GLU A 183 -10.81 23.93 -26.02
CA GLU A 183 -10.54 24.17 -27.43
C GLU A 183 -11.28 23.10 -28.21
N VAL A 184 -12.16 23.52 -29.12
CA VAL A 184 -13.05 22.61 -29.84
C VAL A 184 -12.53 22.42 -31.25
N ARG A 185 -12.46 21.15 -31.69
CA ARG A 185 -12.23 20.87 -33.09
C ARG A 185 -13.33 19.98 -33.62
N VAL A 186 -13.81 20.31 -34.82
CA VAL A 186 -14.75 19.47 -35.55
C VAL A 186 -13.98 18.79 -36.67
N TRP A 187 -14.25 17.50 -36.87
CA TRP A 187 -13.53 16.69 -37.85
C TRP A 187 -14.50 15.72 -38.53
N GLY A 188 -14.31 15.51 -39.82
CA GLY A 188 -15.19 14.64 -40.58
C GLY A 188 -14.43 13.58 -41.33
N LYS A 189 -15.06 12.41 -41.46
CA LYS A 189 -14.51 11.27 -42.18
C LYS A 189 -15.65 10.57 -42.91
N GLU A 190 -15.41 10.14 -44.15
CA GLU A 190 -16.40 9.42 -44.92
C GLU A 190 -15.91 7.99 -45.20
N ALA A 191 -16.71 7.01 -44.80
CA ALA A 191 -16.37 5.61 -45.00
C ALA A 191 -17.65 4.81 -45.13
N ASP A 192 -17.65 3.86 -46.07
CA ASP A 192 -18.79 2.98 -46.32
C ASP A 192 -20.05 3.79 -46.64
N GLY A 193 -19.89 4.84 -47.42
CA GLY A 193 -21.03 5.68 -47.80
C GLY A 193 -21.71 6.36 -46.64
N ILE A 194 -21.00 6.61 -45.55
CA ILE A 194 -21.53 7.32 -44.39
C ILE A 194 -20.52 8.38 -43.96
N LEU A 195 -21.02 9.58 -43.68
CA LEU A 195 -20.20 10.68 -43.19
C LEU A 195 -20.25 10.68 -41.67
N THR A 196 -19.10 10.57 -41.03
CA THR A 196 -19.01 10.57 -39.58
C THR A 196 -18.40 11.90 -39.14
N LEU A 197 -19.20 12.69 -38.43
CA LEU A 197 -18.79 13.99 -37.93
C LEU A 197 -18.37 13.85 -36.48
N SER A 198 -17.19 14.36 -36.16
CA SER A 198 -16.63 14.28 -34.82
C SER A 198 -16.50 15.68 -34.25
N CYS A 199 -16.95 15.85 -33.02
CA CYS A 199 -16.77 17.10 -32.28
C CYS A 199 -16.00 16.76 -31.00
N ARG A 200 -14.81 17.34 -30.84
CA ARG A 200 -13.94 17.11 -29.70
C ARG A 200 -13.72 18.38 -28.91
N ALA A 201 -13.90 18.30 -27.58
CA ALA A 201 -13.59 19.38 -26.66
C ALA A 201 -12.32 19.04 -25.90
N HIS A 202 -11.29 19.87 -26.05
CA HIS A 202 -9.97 19.62 -25.51
C HIS A 202 -9.72 20.53 -24.31
N GLY A 203 -9.44 19.93 -23.16
CA GLY A 203 -8.83 20.64 -22.06
C GLY A 203 -9.73 21.53 -21.22
N PHE A 204 -10.97 21.10 -20.98
CA PHE A 204 -11.88 21.92 -20.19
C PHE A 204 -11.83 21.53 -18.72
N TYR A 205 -12.23 22.48 -17.87
CA TYR A 205 -12.38 22.28 -16.43
C TYR A 205 -13.40 23.31 -15.96
N PRO A 206 -14.38 22.95 -15.11
CA PRO A 206 -14.56 21.64 -14.46
C PRO A 206 -15.06 20.56 -15.39
N ARG A 207 -15.30 19.39 -14.80
CA ARG A 207 -15.70 18.21 -15.56
C ARG A 207 -17.05 18.33 -16.27
N PRO A 208 -18.11 18.89 -15.68
CA PRO A 208 -19.41 18.83 -16.37
C PRO A 208 -19.39 19.63 -17.67
N ILE A 209 -19.87 18.99 -18.74
CA ILE A 209 -19.91 19.60 -20.06
C ILE A 209 -21.03 18.94 -20.82
N ALA A 210 -21.57 19.64 -21.82
CA ALA A 210 -22.52 19.02 -22.72
C ALA A 210 -22.14 19.34 -24.16
N VAL A 211 -21.90 18.30 -24.94
CA VAL A 211 -21.53 18.40 -26.33
C VAL A 211 -22.59 17.65 -27.12
N SER A 212 -23.21 18.31 -28.10
CA SER A 212 -24.24 17.63 -28.88
C SER A 212 -24.19 18.10 -30.32
N TRP A 213 -24.72 17.27 -31.20
CA TRP A 213 -24.88 17.59 -32.61
C TRP A 213 -26.32 18.00 -32.87
N LEU A 214 -26.50 19.19 -33.46
CA LEU A 214 -27.79 19.67 -33.95
C LEU A 214 -27.82 19.60 -35.46
N LYS A 215 -28.94 19.10 -36.00
CA LYS A 215 -29.16 19.05 -37.44
C LYS A 215 -30.26 20.04 -37.78
N ASP A 216 -29.95 21.00 -38.66
CA ASP A 216 -30.90 22.04 -39.07
C ASP A 216 -31.51 22.75 -37.86
N GLY A 217 -30.68 22.96 -36.83
CA GLY A 217 -31.13 23.59 -35.60
C GLY A 217 -32.05 22.70 -34.78
N ASP A 223 -29.03 10.18 -32.38
CA ASP A 223 -28.29 8.93 -32.44
C ASP A 223 -26.79 9.17 -32.28
N ALA A 224 -26.45 10.14 -31.42
CA ALA A 224 -25.05 10.50 -31.22
C ALA A 224 -24.33 9.51 -30.33
N GLN A 225 -23.04 9.30 -30.62
CA GLN A 225 -22.16 8.44 -29.83
C GLN A 225 -21.15 9.30 -29.10
N SER A 226 -21.07 9.14 -27.77
CA SER A 226 -20.16 9.90 -26.93
C SER A 226 -19.16 8.96 -26.26
N GLY A 227 -17.88 9.34 -26.26
CA GLY A 227 -16.86 8.65 -25.50
C GLY A 227 -16.84 8.97 -24.02
N GLY A 228 -17.84 9.68 -23.53
CA GLY A 228 -17.85 10.15 -22.16
C GLY A 228 -16.81 11.22 -21.93
N ILE A 229 -16.65 11.57 -20.66
CA ILE A 229 -15.68 12.57 -20.26
C ILE A 229 -14.44 11.84 -19.76
N VAL A 230 -13.31 12.09 -20.40
CA VAL A 230 -12.09 11.34 -20.12
C VAL A 230 -10.99 12.31 -19.68
N PRO A 231 -10.01 11.87 -18.89
CA PRO A 231 -9.04 12.83 -18.34
C PRO A 231 -7.83 13.05 -19.23
N ASN A 232 -7.31 14.27 -19.14
CA ASN A 232 -5.96 14.55 -19.60
C ASN A 232 -5.00 14.35 -18.44
N GLY A 233 -3.70 14.35 -18.75
CA GLY A 233 -2.70 14.24 -17.70
C GLY A 233 -2.69 15.37 -16.68
N ASP A 234 -3.27 16.54 -17.02
CA ASP A 234 -2.95 17.78 -16.31
C ASP A 234 -4.09 18.31 -15.44
N GLY A 235 -5.10 17.50 -15.14
CA GLY A 235 -6.22 18.00 -14.38
C GLY A 235 -7.33 18.63 -15.21
N THR A 236 -7.24 18.57 -16.53
CA THR A 236 -8.33 18.98 -17.40
C THR A 236 -8.92 17.74 -18.06
N TYR A 237 -9.94 17.96 -18.89
CA TYR A 237 -10.76 16.86 -19.38
C TYR A 237 -10.96 16.98 -20.88
N HIS A 238 -11.43 15.88 -21.45
CA HIS A 238 -11.61 15.70 -22.89
C HIS A 238 -12.92 14.98 -23.12
N THR A 239 -13.63 15.35 -24.19
CA THR A 239 -14.74 14.51 -24.64
C THR A 239 -14.83 14.59 -26.16
N TRP A 240 -15.28 13.49 -26.77
CA TRP A 240 -15.59 13.44 -28.19
C TRP A 240 -16.99 12.90 -28.39
N VAL A 241 -17.70 13.49 -29.34
CA VAL A 241 -19.07 13.10 -29.71
C VAL A 241 -19.15 13.04 -31.22
N THR A 242 -19.53 11.88 -31.76
CA THR A 242 -19.69 11.73 -33.21
C THR A 242 -21.15 11.51 -33.57
N ILE A 243 -21.46 11.74 -34.85
CA ILE A 243 -22.78 11.41 -35.38
C ILE A 243 -22.61 10.99 -36.84
N ASP A 244 -23.46 10.05 -37.27
CA ASP A 244 -23.44 9.51 -38.61
C ASP A 244 -24.47 10.24 -39.46
N ALA A 245 -24.03 10.73 -40.62
CA ALA A 245 -24.84 11.56 -41.47
C ALA A 245 -24.73 11.07 -42.91
N GLN A 246 -25.63 11.55 -43.74
CA GLN A 246 -25.47 11.22 -45.14
C GLN A 246 -24.36 12.07 -45.76
N PRO A 247 -23.61 11.54 -46.71
CA PRO A 247 -22.60 12.37 -47.39
C PRO A 247 -23.26 13.56 -48.07
N GLY A 248 -22.56 14.69 -48.06
CA GLY A 248 -23.08 15.92 -48.59
C GLY A 248 -23.94 16.71 -47.63
N ASP A 249 -24.50 16.07 -46.60
CA ASP A 249 -25.28 16.74 -45.58
C ASP A 249 -24.40 17.42 -44.52
N GLY A 250 -23.08 17.49 -44.74
CA GLY A 250 -22.18 18.08 -43.77
C GLY A 250 -22.58 19.47 -43.34
N ASP A 251 -23.16 20.25 -44.25
CA ASP A 251 -23.54 21.62 -43.93
C ASP A 251 -24.74 21.70 -43.01
N LYS A 252 -25.46 20.60 -42.80
CA LYS A 252 -26.68 20.66 -42.00
C LYS A 252 -26.41 20.56 -40.50
N TYR A 253 -25.19 20.24 -40.08
CA TYR A 253 -24.92 19.87 -38.70
C TYR A 253 -24.08 20.91 -38.00
N GLN A 254 -24.38 21.15 -36.72
CA GLN A 254 -23.63 22.06 -35.88
C GLN A 254 -23.32 21.37 -34.57
N CYS A 255 -22.09 21.52 -34.08
CA CYS A 255 -21.73 20.99 -32.77
C CYS A 255 -21.89 22.07 -31.71
N ARG A 256 -22.72 21.78 -30.72
CA ARG A 256 -23.04 22.70 -29.63
C ARG A 256 -22.30 22.27 -28.37
N VAL A 257 -21.63 23.22 -27.72
CA VAL A 257 -20.82 22.95 -26.53
C VAL A 257 -21.29 23.85 -25.41
N GLU A 258 -21.79 23.23 -24.34
CA GLU A 258 -22.26 23.89 -23.13
C GLU A 258 -21.23 23.68 -22.03
N HIS A 259 -20.69 24.76 -21.46
CA HIS A 259 -19.68 24.59 -20.41
C HIS A 259 -19.67 25.82 -19.51
N ALA A 260 -19.33 25.60 -18.23
CA ALA A 260 -19.33 26.70 -17.27
C ALA A 260 -18.41 27.85 -17.68
N SER A 261 -17.31 27.53 -18.36
CA SER A 261 -16.39 28.56 -18.82
C SER A 261 -16.91 29.36 -20.00
N LEU A 262 -18.07 29.01 -20.54
CA LEU A 262 -18.55 29.62 -21.78
C LEU A 262 -19.81 30.43 -21.51
N PRO A 263 -19.74 31.76 -21.52
CA PRO A 263 -20.95 32.56 -21.25
C PRO A 263 -22.13 32.20 -22.15
N GLN A 264 -21.86 31.93 -23.43
CA GLN A 264 -22.85 31.40 -24.34
C GLN A 264 -22.33 30.12 -24.99
N PRO A 265 -23.17 29.11 -25.22
CA PRO A 265 -22.69 27.88 -25.87
C PRO A 265 -22.03 28.17 -27.21
N GLY A 266 -20.97 27.41 -27.51
CA GLY A 266 -20.31 27.51 -28.79
C GLY A 266 -21.00 26.65 -29.84
N LEU A 267 -20.92 27.09 -31.10
CA LEU A 267 -21.55 26.37 -32.20
C LEU A 267 -20.56 26.27 -33.35
N TYR A 268 -20.24 25.05 -33.74
CA TYR A 268 -19.12 24.79 -34.63
C TYR A 268 -19.56 23.99 -35.84
N SER A 269 -19.05 24.39 -37.00
CA SER A 269 -19.36 23.77 -38.28
C SER A 269 -18.23 22.84 -38.73
N TRP A 270 -18.59 21.90 -39.59
CA TRP A 270 -17.62 21.13 -40.35
C TRP A 270 -17.45 21.76 -41.73
N ASP B 1 -19.59 -7.76 -20.56
CA ASP B 1 -18.32 -7.56 -21.25
C ASP B 1 -17.35 -6.68 -20.46
N LEU B 2 -16.26 -7.31 -19.97
CA LEU B 2 -15.25 -6.65 -19.14
C LEU B 2 -13.98 -6.31 -19.92
N THR B 3 -14.11 -6.13 -21.24
CA THR B 3 -13.00 -5.75 -22.09
C THR B 3 -12.67 -4.26 -21.92
N PRO B 4 -11.42 -3.86 -22.14
CA PRO B 4 -11.10 -2.42 -22.09
C PRO B 4 -11.79 -1.66 -23.20
N LYS B 5 -12.43 -0.56 -22.84
CA LYS B 5 -12.93 0.42 -23.79
C LYS B 5 -11.85 1.49 -23.92
N VAL B 6 -11.35 1.70 -25.12
CA VAL B 6 -10.10 2.45 -25.31
C VAL B 6 -10.35 3.68 -26.18
N GLN B 7 -9.77 4.82 -25.76
CA GLN B 7 -9.81 6.07 -26.53
C GLN B 7 -8.42 6.67 -26.58
N VAL B 8 -8.01 7.11 -27.76
CA VAL B 8 -6.72 7.77 -28.00
C VAL B 8 -7.01 9.20 -28.42
N TYR B 9 -6.28 10.16 -27.86
CA TYR B 9 -6.55 11.57 -28.13
C TYR B 9 -5.36 12.38 -27.66
N SER B 10 -5.18 13.55 -28.26
CA SER B 10 -4.13 14.47 -27.84
C SER B 10 -4.68 15.49 -26.85
N ARG B 11 -3.79 16.04 -26.02
CA ARG B 11 -4.18 17.04 -25.04
C ARG B 11 -4.81 18.25 -25.70
N PHE B 12 -4.14 18.79 -26.72
CA PHE B 12 -4.54 19.93 -27.54
C PHE B 12 -4.90 19.46 -28.94
N PRO B 13 -5.86 20.09 -29.59
CA PRO B 13 -6.08 19.85 -31.02
C PRO B 13 -4.76 19.99 -31.76
N ALA B 14 -4.43 18.99 -32.56
CA ALA B 14 -3.06 18.81 -33.00
C ALA B 14 -2.73 19.66 -34.22
N SER B 15 -1.45 20.00 -34.35
CA SER B 15 -0.93 20.61 -35.57
C SER B 15 0.51 20.18 -35.76
N ALA B 16 0.90 20.02 -37.01
CA ALA B 16 2.24 19.52 -37.34
C ALA B 16 3.31 20.40 -36.72
N GLY B 17 4.29 19.77 -36.09
CA GLY B 17 5.39 20.48 -35.47
C GLY B 17 5.08 21.22 -34.19
N THR B 18 3.91 21.04 -33.60
CA THR B 18 3.55 21.74 -32.37
C THR B 18 3.53 20.78 -31.19
N LYS B 19 4.28 21.11 -30.15
CA LYS B 19 4.34 20.26 -28.95
C LYS B 19 2.94 19.95 -28.43
N ASN B 20 2.77 18.72 -27.98
CA ASN B 20 1.47 18.22 -27.57
C ASN B 20 1.70 17.09 -26.58
N VAL B 21 0.62 16.41 -26.19
CA VAL B 21 0.69 15.23 -25.35
C VAL B 21 -0.27 14.20 -25.92
N LEU B 22 0.20 12.99 -26.13
CA LEU B 22 -0.65 11.91 -26.63
C LEU B 22 -1.20 11.12 -25.44
N ASN B 23 -2.51 10.85 -25.47
CA ASN B 23 -3.23 10.20 -24.38
C ASN B 23 -3.86 8.91 -24.86
N CYS B 24 -3.73 7.84 -24.07
CA CYS B 24 -4.51 6.62 -24.27
C CYS B 24 -5.24 6.32 -22.98
N PHE B 25 -6.58 6.26 -23.05
CA PHE B 25 -7.43 6.01 -21.89
C PHE B 25 -8.17 4.70 -22.09
N ALA B 26 -7.95 3.75 -21.20
CA ALA B 26 -8.69 2.50 -21.18
C ALA B 26 -9.55 2.46 -19.93
N ALA B 27 -10.76 1.94 -20.07
CA ALA B 27 -11.70 1.94 -18.97
C ALA B 27 -12.67 0.78 -19.15
N GLY B 28 -13.46 0.55 -18.09
CA GLY B 28 -14.48 -0.48 -18.09
C GLY B 28 -13.99 -1.90 -18.05
N PHE B 29 -12.74 -2.15 -17.66
CA PHE B 29 -12.19 -3.50 -17.78
C PHE B 29 -12.00 -4.16 -16.42
N HIS B 30 -11.93 -5.49 -16.47
CA HIS B 30 -11.67 -6.34 -15.32
C HIS B 30 -11.17 -7.67 -15.84
N PRO B 31 -10.13 -8.26 -15.24
CA PRO B 31 -9.40 -7.81 -14.05
C PRO B 31 -8.48 -6.59 -14.28
N PRO B 32 -7.88 -6.05 -13.20
CA PRO B 32 -7.09 -4.82 -13.34
C PRO B 32 -5.80 -4.97 -14.12
N LYS B 33 -5.21 -6.16 -14.18
CA LYS B 33 -3.95 -6.29 -14.91
C LYS B 33 -4.17 -5.93 -16.38
N ILE B 34 -3.35 -5.00 -16.89
CA ILE B 34 -3.47 -4.57 -18.28
C ILE B 34 -2.12 -4.02 -18.73
N SER B 35 -1.83 -4.16 -20.03
CA SER B 35 -0.68 -3.51 -20.67
C SER B 35 -1.19 -2.47 -21.64
N ILE B 36 -0.68 -1.24 -21.52
CA ILE B 36 -1.08 -0.14 -22.39
C ILE B 36 0.20 0.58 -22.82
N THR B 37 0.48 0.61 -24.12
CA THR B 37 1.72 1.19 -24.60
C THR B 37 1.45 2.16 -25.75
N LEU B 38 1.96 3.37 -25.62
CA LEU B 38 1.85 4.34 -26.71
C LEU B 38 2.92 4.01 -27.75
N MET B 39 2.52 4.00 -29.03
CA MET B 39 3.39 3.63 -30.14
C MET B 39 3.55 4.82 -31.08
N LYS B 40 4.73 4.92 -31.69
CA LYS B 40 4.96 5.77 -32.86
C LYS B 40 5.56 4.90 -33.96
N ASP B 41 4.85 4.78 -35.08
CA ASP B 41 5.27 3.92 -36.19
C ASP B 41 5.64 2.52 -35.71
N GLY B 42 4.74 1.93 -34.92
CA GLY B 42 4.95 0.58 -34.41
C GLY B 42 6.00 0.44 -33.34
N VAL B 43 6.56 1.54 -32.85
CA VAL B 43 7.66 1.50 -31.88
C VAL B 43 7.26 2.23 -30.62
N PRO B 44 7.55 1.68 -29.43
CA PRO B 44 7.20 2.36 -28.18
C PRO B 44 7.73 3.78 -28.10
N MET B 45 6.84 4.70 -27.75
CA MET B 45 7.21 6.09 -27.51
C MET B 45 7.94 6.20 -26.18
N GLU B 46 8.84 7.17 -26.10
CA GLU B 46 9.59 7.40 -24.88
C GLU B 46 8.83 8.36 -23.98
N GLY B 47 9.09 8.24 -22.68
CA GLY B 47 8.57 9.20 -21.72
C GLY B 47 7.12 9.02 -21.30
N ALA B 48 6.53 7.85 -21.54
CA ALA B 48 5.15 7.59 -21.14
C ALA B 48 5.00 7.62 -19.62
N GLN B 49 3.88 8.19 -19.16
CA GLN B 49 3.48 8.20 -17.75
C GLN B 49 2.17 7.44 -17.60
N TYR B 50 2.05 6.68 -16.51
CA TYR B 50 0.92 5.77 -16.28
C TYR B 50 0.19 6.19 -15.01
N SER B 51 -1.12 6.34 -15.09
CA SER B 51 -1.91 6.61 -13.89
C SER B 51 -1.86 5.43 -12.94
N ASP B 52 -1.94 5.73 -11.66
CA ASP B 52 -2.05 4.66 -10.67
C ASP B 52 -3.43 4.01 -10.75
N MET B 53 -3.45 2.69 -10.60
CA MET B 53 -4.66 1.90 -10.79
C MET B 53 -5.83 2.47 -10.00
N SER B 54 -6.93 2.73 -10.72
CA SER B 54 -8.13 3.38 -10.21
C SER B 54 -9.34 2.69 -10.81
N PHE B 55 -10.52 3.04 -10.31
CA PHE B 55 -11.73 2.37 -10.79
C PHE B 55 -12.95 3.24 -10.56
N ASN B 56 -14.00 2.92 -11.32
CA ASN B 56 -15.27 3.63 -11.43
C ASN B 56 -16.27 3.14 -10.39
N ASP B 57 -17.39 3.88 -10.26
CA ASP B 57 -18.44 3.51 -9.32
C ASP B 57 -18.96 2.10 -9.55
N ASP B 58 -18.83 1.58 -10.77
CA ASP B 58 -19.35 0.25 -11.08
C ASP B 58 -18.31 -0.83 -10.87
N TRP B 59 -17.19 -0.49 -10.27
CA TRP B 59 -16.04 -1.33 -9.92
C TRP B 59 -15.11 -1.58 -11.10
N THR B 60 -15.44 -1.19 -12.33
CA THR B 60 -14.53 -1.45 -13.44
C THR B 60 -13.33 -0.51 -13.37
N PHE B 61 -12.20 -1.00 -13.87
CA PHE B 61 -10.92 -0.33 -13.74
C PHE B 61 -10.67 0.61 -14.91
N GLN B 62 -9.78 1.58 -14.67
CA GLN B 62 -9.43 2.52 -15.73
C GLN B 62 -7.97 2.92 -15.55
N ARG B 63 -7.36 3.37 -16.64
CA ARG B 63 -5.99 3.85 -16.59
C ARG B 63 -5.76 4.82 -17.74
N LEU B 64 -5.10 5.95 -17.44
CA LEU B 64 -4.62 6.87 -18.46
C LEU B 64 -3.10 6.69 -18.65
N VAL B 65 -2.67 6.55 -19.91
CA VAL B 65 -1.26 6.62 -20.27
C VAL B 65 -1.06 7.87 -21.13
N HIS B 66 -0.01 8.64 -20.86
CA HIS B 66 0.25 9.82 -21.67
C HIS B 66 1.75 10.04 -21.83
N ALA B 67 2.10 10.73 -22.92
CA ALA B 67 3.48 11.05 -23.22
C ALA B 67 3.56 12.32 -24.06
N ASP B 68 4.50 13.18 -23.71
CA ASP B 68 4.78 14.34 -24.55
C ASP B 68 5.21 13.89 -25.95
N PHE B 69 4.75 14.61 -26.96
CA PHE B 69 5.22 14.33 -28.31
C PHE B 69 4.94 15.54 -29.20
N THR B 70 5.69 15.59 -30.29
CA THR B 70 5.49 16.59 -31.32
C THR B 70 5.08 15.85 -32.57
N PRO B 71 3.81 15.90 -32.96
CA PRO B 71 3.34 15.04 -34.06
C PRO B 71 4.03 15.39 -35.36
N SER B 72 4.57 14.36 -36.01
CA SER B 72 5.18 14.46 -37.32
C SER B 72 4.17 14.09 -38.40
N SER B 73 4.18 14.84 -39.50
CA SER B 73 3.39 14.43 -40.63
C SER B 73 3.98 13.15 -41.19
N GLY B 74 3.11 12.24 -41.64
CA GLY B 74 3.57 10.97 -42.16
C GLY B 74 3.97 9.93 -41.12
N SER B 75 3.90 10.24 -39.83
CA SER B 75 4.06 9.21 -38.82
C SER B 75 2.69 8.75 -38.34
N THR B 76 2.63 7.50 -37.88
CA THR B 76 1.41 6.95 -37.30
C THR B 76 1.60 6.78 -35.81
N TYR B 77 0.61 7.23 -35.04
CA TYR B 77 0.61 7.13 -33.59
C TYR B 77 -0.57 6.29 -33.13
N ALA B 78 -0.33 5.45 -32.12
CA ALA B 78 -1.35 4.49 -31.73
C ALA B 78 -1.12 4.07 -30.29
N CYS B 79 -2.08 3.32 -29.77
CA CYS B 79 -2.03 2.76 -28.44
C CYS B 79 -2.30 1.26 -28.54
N LYS B 80 -1.38 0.44 -28.03
CA LYS B 80 -1.52 -1.01 -28.04
C LYS B 80 -1.94 -1.51 -26.66
N VAL B 81 -3.03 -2.26 -26.61
CA VAL B 81 -3.65 -2.69 -25.36
C VAL B 81 -3.67 -4.21 -25.32
N GLU B 82 -3.16 -4.78 -24.23
CA GLU B 82 -3.21 -6.21 -23.99
C GLU B 82 -3.95 -6.48 -22.69
N HIS B 83 -4.93 -7.37 -22.74
CA HIS B 83 -5.75 -7.67 -21.58
C HIS B 83 -6.29 -9.09 -21.72
N GLU B 84 -6.50 -9.74 -20.56
CA GLU B 84 -6.95 -11.13 -20.53
C GLU B 84 -8.22 -11.37 -21.34
N THR B 85 -9.10 -10.40 -21.41
CA THR B 85 -10.38 -10.58 -22.10
C THR B 85 -10.24 -10.53 -23.62
N LEU B 86 -9.06 -10.21 -24.14
CA LEU B 86 -8.86 -9.99 -25.57
C LEU B 86 -8.15 -11.19 -26.19
N LYS B 87 -8.52 -11.49 -27.43
CA LYS B 87 -7.93 -12.61 -28.16
C LYS B 87 -6.63 -12.24 -28.87
N GLU B 88 -6.32 -10.95 -28.95
CA GLU B 88 -5.13 -10.41 -29.59
C GLU B 88 -4.78 -9.11 -28.87
N PRO B 89 -3.52 -8.68 -28.91
CA PRO B 89 -3.24 -7.28 -28.58
C PRO B 89 -3.97 -6.39 -29.57
N GLN B 90 -4.60 -5.34 -29.04
CA GLN B 90 -5.45 -4.48 -29.84
C GLN B 90 -4.79 -3.10 -30.00
N VAL B 91 -4.74 -2.61 -31.23
CA VAL B 91 -4.06 -1.37 -31.55
C VAL B 91 -5.10 -0.34 -31.93
N TYR B 92 -5.09 0.79 -31.23
CA TYR B 92 -6.05 1.86 -31.44
C TYR B 92 -5.29 3.06 -32.03
N LYS B 93 -5.62 3.43 -33.27
CA LYS B 93 -4.88 4.47 -33.96
C LYS B 93 -5.34 5.85 -33.52
N TRP B 94 -4.38 6.75 -33.32
CA TRP B 94 -4.72 8.14 -33.06
C TRP B 94 -5.07 8.81 -34.38
N ASP B 95 -6.20 9.52 -34.41
CA ASP B 95 -6.57 10.32 -35.57
C ASP B 95 -6.08 11.74 -35.33
N PRO B 96 -5.03 12.19 -36.03
CA PRO B 96 -4.52 13.54 -35.75
C PRO B 96 -5.54 14.63 -36.02
N GLU B 97 -6.48 14.39 -36.91
CA GLU B 97 -7.53 15.35 -37.24
C GLU B 97 -6.92 16.68 -37.73
N PHE B 98 -5.83 16.55 -38.48
CA PHE B 98 -5.35 17.63 -39.34
C PHE B 98 -4.80 17.00 -40.61
N ARG C 1 -9.06 12.71 5.18
CA ARG C 1 -8.17 11.66 5.67
C ARG C 1 -8.85 10.29 5.55
N ARG C 2 -8.03 9.29 5.23
CA ARG C 2 -8.46 7.91 5.03
C ARG C 2 -8.98 7.28 6.32
N ARG C 3 -9.75 6.20 6.15
CA ARG C 3 -10.25 5.43 7.28
C ARG C 3 -9.91 3.97 7.04
N GLU C 4 -9.19 3.34 7.98
CA GLU C 4 -8.82 1.95 7.79
C GLU C 4 -10.06 1.05 7.81
N GLN C 5 -9.91 -0.16 7.31
CA GLN C 5 -10.99 -1.14 7.40
C GLN C 5 -10.65 -2.10 8.53
N THR C 6 -11.49 -3.10 8.76
CA THR C 6 -11.24 -4.06 9.82
C THR C 6 -11.25 -5.47 9.24
N ASP C 7 -10.77 -6.42 10.05
CA ASP C 7 -10.58 -7.81 9.61
C ASP C 7 -11.85 -8.38 8.96
N TYR C 8 -11.66 -9.03 7.82
CA TYR C 8 -12.75 -9.71 7.12
C TYR C 8 -13.21 -10.95 7.84
N GLU D 1 -3.20 10.22 18.84
CA GLU D 1 -2.61 9.30 17.89
C GLU D 1 -3.01 7.84 18.15
N LEU D 2 -2.80 7.00 17.14
CA LEU D 2 -3.11 5.59 17.23
C LEU D 2 -2.03 4.85 18.02
N HIS D 3 -2.44 3.95 18.91
CA HIS D 3 -1.48 3.16 19.67
C HIS D 3 -1.81 1.69 19.53
N THR D 4 -0.77 0.85 19.66
CA THR D 4 -0.91 -0.58 19.50
C THR D 4 -0.11 -1.33 20.55
N LEU D 5 -0.66 -2.43 21.03
CA LEU D 5 0.05 -3.38 21.87
C LEU D 5 -0.02 -4.73 21.18
N ARG D 6 1.12 -5.31 20.87
CA ARG D 6 1.14 -6.58 20.16
C ARG D 6 2.12 -7.53 20.81
N TYR D 7 1.65 -8.75 21.04
CA TYR D 7 2.44 -9.86 21.56
C TYR D 7 2.49 -10.93 20.49
N ILE D 8 3.69 -11.42 20.18
CA ILE D 8 3.83 -12.51 19.22
C ILE D 8 4.62 -13.62 19.91
N SER D 9 4.43 -14.84 19.41
CA SER D 9 5.14 -16.00 19.92
C SER D 9 5.47 -16.91 18.76
N THR D 10 6.65 -17.53 18.83
CA THR D 10 7.09 -18.52 17.86
C THR D 10 7.51 -19.77 18.62
N ALA D 11 7.07 -20.94 18.15
CA ALA D 11 7.47 -22.22 18.71
C ALA D 11 7.97 -23.06 17.55
N MET D 12 9.21 -23.55 17.66
CA MET D 12 9.90 -24.22 16.57
C MET D 12 10.35 -25.63 16.96
N THR D 13 10.23 -26.58 16.03
CA THR D 13 10.87 -27.87 16.22
C THR D 13 12.34 -27.81 15.85
N ASP D 14 12.76 -26.81 15.07
CA ASP D 14 14.10 -26.76 14.49
C ASP D 14 14.61 -25.32 14.53
N PRO D 15 14.85 -24.77 15.72
CA PRO D 15 15.31 -23.38 15.80
C PRO D 15 16.73 -23.17 15.32
N GLY D 16 17.55 -24.22 15.25
CA GLY D 16 18.96 -24.07 15.01
C GLY D 16 19.77 -24.50 16.23
N PRO D 17 21.06 -24.78 16.04
CA PRO D 17 21.87 -25.26 17.17
C PRO D 17 22.07 -24.15 18.19
N GLY D 18 21.83 -24.48 19.46
CA GLY D 18 21.97 -23.51 20.51
C GLY D 18 20.98 -22.37 20.48
N GLN D 19 19.82 -22.56 19.84
CA GLN D 19 18.83 -21.52 19.73
C GLN D 19 17.58 -21.89 20.53
N PRO D 20 16.93 -20.93 21.19
CA PRO D 20 15.68 -21.25 21.90
C PRO D 20 14.58 -21.67 20.93
N TRP D 21 13.88 -22.75 21.27
CA TRP D 21 12.76 -23.22 20.44
C TRP D 21 11.48 -22.43 20.67
N PHE D 22 11.35 -21.69 21.77
CA PHE D 22 10.16 -20.89 22.06
C PHE D 22 10.59 -19.46 22.38
N VAL D 23 10.07 -18.49 21.64
CA VAL D 23 10.47 -17.09 21.77
C VAL D 23 9.22 -16.23 21.68
N ASP D 24 8.96 -15.41 22.70
CA ASP D 24 7.81 -14.52 22.63
C ASP D 24 8.30 -13.10 22.92
N VAL D 25 7.67 -12.13 22.26
CA VAL D 25 8.12 -10.75 22.29
C VAL D 25 6.89 -9.84 22.24
N GLY D 26 7.00 -8.69 22.88
CA GLY D 26 5.93 -7.71 22.90
C GLY D 26 6.41 -6.37 22.41
N TYR D 27 5.49 -5.64 21.74
CA TYR D 27 5.76 -4.35 21.10
C TYR D 27 4.69 -3.34 21.49
N VAL D 28 5.10 -2.11 21.79
CA VAL D 28 4.18 -0.99 21.96
C VAL D 28 4.47 -0.01 20.84
N ASP D 29 3.45 0.30 20.03
CA ASP D 29 3.59 1.17 18.86
C ASP D 29 4.74 0.72 17.98
N GLY D 30 4.88 -0.60 17.83
CA GLY D 30 5.88 -1.18 16.96
C GLY D 30 7.26 -1.33 17.56
N GLU D 31 7.48 -0.87 18.78
CA GLU D 31 8.78 -0.88 19.43
C GLU D 31 8.83 -1.98 20.48
N LEU D 32 9.81 -2.86 20.34
CA LEU D 32 10.07 -3.93 21.28
C LEU D 32 10.16 -3.45 22.71
N PHE D 33 9.41 -4.09 23.62
CA PHE D 33 9.57 -3.72 25.02
C PHE D 33 9.63 -4.89 26.00
N THR D 34 9.43 -6.13 25.55
CA THR D 34 9.58 -7.26 26.46
C THR D 34 9.88 -8.53 25.67
N HIS D 35 10.50 -9.50 26.34
CA HIS D 35 10.96 -10.72 25.69
C HIS D 35 10.88 -11.87 26.67
N TYR D 36 10.62 -13.06 26.15
CA TYR D 36 10.73 -14.30 26.92
C TYR D 36 11.24 -15.38 25.96
N ASN D 37 12.02 -16.33 26.48
CA ASN D 37 12.28 -17.52 25.67
C ASN D 37 12.46 -18.74 26.56
N SER D 38 12.49 -19.90 25.92
CA SER D 38 12.50 -21.18 26.64
C SER D 38 13.85 -21.49 27.26
N THR D 39 14.93 -20.81 26.85
CA THR D 39 16.22 -21.02 27.49
C THR D 39 16.29 -20.27 28.83
N ALA D 40 16.13 -18.94 28.78
CA ALA D 40 16.20 -18.15 30.00
C ALA D 40 15.00 -18.37 30.91
N ARG D 41 13.83 -18.64 30.31
CA ARG D 41 12.59 -18.96 31.02
C ARG D 41 12.14 -17.84 31.96
N ARG D 42 12.53 -16.60 31.68
CA ARG D 42 11.99 -15.44 32.35
C ARG D 42 11.48 -14.45 31.31
N ALA D 43 10.34 -13.82 31.60
CA ALA D 43 9.93 -12.63 30.86
C ALA D 43 10.72 -11.45 31.39
N VAL D 44 11.28 -10.64 30.49
CA VAL D 44 12.15 -9.55 30.91
C VAL D 44 11.76 -8.24 30.22
N PRO D 45 12.09 -7.10 30.84
CA PRO D 45 11.93 -5.81 30.17
C PRO D 45 13.02 -5.61 29.13
N ARG D 46 12.65 -4.95 28.03
CA ARG D 46 13.57 -4.60 26.97
C ARG D 46 13.76 -3.11 26.80
N THR D 47 13.10 -2.28 27.59
CA THR D 47 13.36 -0.84 27.59
C THR D 47 13.54 -0.36 29.02
N GLU D 48 14.29 0.72 29.16
CA GLU D 48 14.38 1.40 30.45
C GLU D 48 13.02 1.92 30.90
N TRP D 49 12.15 2.36 29.98
CA TRP D 49 10.89 2.93 30.43
C TRP D 49 9.92 1.88 30.93
N ILE D 50 9.96 0.65 30.41
CA ILE D 50 9.11 -0.37 31.04
C ILE D 50 9.73 -0.84 32.36
N ALA D 51 11.07 -0.95 32.42
CA ALA D 51 11.71 -1.39 33.65
C ALA D 51 11.47 -0.42 34.79
N ALA D 52 11.59 0.88 34.50
CA ALA D 52 11.36 1.91 35.52
C ALA D 52 9.94 1.91 36.06
N ASN D 53 8.96 1.38 35.32
CA ASN D 53 7.58 1.52 35.74
C ASN D 53 6.92 0.20 36.11
N THR D 54 7.69 -0.87 36.27
CA THR D 54 7.16 -2.17 36.66
C THR D 54 7.97 -2.69 37.86
N ASP D 55 7.49 -3.75 38.50
CA ASP D 55 8.20 -4.31 39.66
C ASP D 55 8.38 -5.82 39.48
N GLN D 56 8.95 -6.45 40.51
CA GLN D 56 9.23 -7.89 40.42
C GLN D 56 7.94 -8.69 40.25
N GLN D 57 6.87 -8.28 40.95
CA GLN D 57 5.58 -8.97 40.84
C GLN D 57 5.08 -8.97 39.39
N TYR D 58 5.17 -7.81 38.72
CA TYR D 58 4.79 -7.73 37.31
C TYR D 58 5.53 -8.76 36.48
N TRP D 59 6.85 -8.83 36.64
CA TRP D 59 7.61 -9.76 35.81
C TRP D 59 7.40 -11.21 36.24
N ASP D 60 7.21 -11.46 37.53
CA ASP D 60 6.79 -12.78 37.99
C ASP D 60 5.53 -13.24 37.25
N SER D 61 4.51 -12.38 37.22
CA SER D 61 3.26 -12.73 36.53
C SER D 61 3.47 -12.95 35.04
N GLU D 62 4.22 -12.05 34.38
CA GLU D 62 4.52 -12.22 32.96
C GLU D 62 5.24 -13.54 32.70
N THR D 63 6.23 -13.86 33.54
CA THR D 63 6.93 -15.13 33.40
C THR D 63 5.97 -16.30 33.50
N GLN D 64 5.04 -16.24 34.45
CA GLN D 64 4.07 -17.32 34.64
C GLN D 64 3.20 -17.53 33.40
N THR D 65 2.69 -16.43 32.84
CA THR D 65 1.88 -16.52 31.61
C THR D 65 2.70 -17.10 30.47
N SER D 66 3.93 -16.62 30.30
CA SER D 66 4.80 -17.13 29.24
C SER D 66 5.10 -18.62 29.42
N GLN D 67 5.39 -19.04 30.64
CA GLN D 67 5.73 -20.45 30.86
C GLN D 67 4.57 -21.37 30.52
N ARG D 68 3.35 -20.95 30.85
CA ARG D 68 2.16 -21.72 30.49
C ARG D 68 1.99 -21.80 28.97
N SER D 69 2.11 -20.65 28.28
CA SER D 69 2.03 -20.65 26.82
C SER D 69 3.08 -21.57 26.20
N GLU D 70 4.28 -21.59 26.78
CA GLU D 70 5.33 -22.46 26.25
C GLU D 70 4.94 -23.93 26.38
N GLN D 71 4.32 -24.29 27.51
CA GLN D 71 3.85 -25.67 27.70
C GLN D 71 2.78 -26.02 26.68
N ILE D 72 1.84 -25.11 26.43
CA ILE D 72 0.78 -25.39 25.47
C ILE D 72 1.35 -25.56 24.06
N ASP D 73 2.27 -24.68 23.66
CA ASP D 73 2.89 -24.81 22.36
C ASP D 73 3.78 -26.04 22.27
N ARG D 74 4.43 -26.42 23.38
CA ARG D 74 5.18 -27.68 23.39
C ARG D 74 4.27 -28.83 22.99
N ASP D 75 3.13 -28.95 23.66
CA ASP D 75 2.14 -29.96 23.27
C ASP D 75 1.60 -29.71 21.87
N GLY D 76 1.35 -28.43 21.55
CA GLY D 76 0.67 -28.11 20.30
C GLY D 76 1.45 -28.53 19.07
N LEU D 77 2.78 -28.42 19.12
CA LEU D 77 3.60 -28.82 18.00
C LEU D 77 3.38 -30.29 17.67
N GLY D 78 3.22 -31.14 18.70
CA GLY D 78 2.94 -32.55 18.46
C GLY D 78 1.53 -32.78 17.92
N ILE D 79 0.55 -32.12 18.56
CA ILE D 79 -0.84 -32.22 18.14
C ILE D 79 -1.00 -31.83 16.68
N LEU D 80 -0.41 -30.69 16.30
CA LEU D 80 -0.57 -30.22 14.93
C LEU D 80 0.16 -31.11 13.93
N GLN D 81 1.34 -31.62 14.29
CA GLN D 81 2.04 -32.54 13.39
C GLN D 81 1.15 -33.72 13.03
N ARG D 82 0.47 -34.29 14.02
CA ARG D 82 -0.35 -35.45 13.75
C ARG D 82 -1.59 -35.07 12.94
N ARG D 83 -2.20 -33.92 13.23
CA ARG D 83 -3.36 -33.51 12.45
C ARG D 83 -3.02 -33.26 10.99
N TYR D 84 -1.80 -32.80 10.71
CA TYR D 84 -1.32 -32.60 9.35
C TYR D 84 -0.65 -33.84 8.77
N ASN D 85 -0.68 -34.95 9.49
CA ASN D 85 -0.10 -36.22 9.06
C ASN D 85 1.37 -36.07 8.73
N GLN D 86 2.08 -35.35 9.60
CA GLN D 86 3.51 -35.14 9.52
C GLN D 86 4.18 -36.01 10.57
N THR D 87 5.39 -36.48 10.28
CA THR D 87 6.06 -37.42 11.17
C THR D 87 7.36 -36.86 11.76
N GLY D 88 7.62 -35.58 11.63
CA GLY D 88 8.82 -34.99 12.16
C GLY D 88 9.29 -33.88 11.23
N GLY D 89 10.56 -33.50 11.38
CA GLY D 89 11.11 -32.44 10.58
C GLY D 89 10.85 -31.06 11.15
N SER D 90 11.07 -30.06 10.31
CA SER D 90 11.01 -28.66 10.73
C SER D 90 9.56 -28.18 10.67
N HIS D 91 9.04 -27.70 11.80
CA HIS D 91 7.71 -27.11 11.82
C HIS D 91 7.68 -25.97 12.81
N THR D 92 6.73 -25.06 12.61
CA THR D 92 6.67 -23.84 13.41
C THR D 92 5.21 -23.48 13.69
N VAL D 93 4.93 -23.15 14.93
CA VAL D 93 3.67 -22.55 15.34
C VAL D 93 3.93 -21.08 15.63
N GLN D 94 3.06 -20.21 15.12
CA GLN D 94 3.15 -18.77 15.35
C GLN D 94 1.78 -18.26 15.80
N TRP D 95 1.78 -17.30 16.71
CA TRP D 95 0.53 -16.61 16.96
C TRP D 95 0.84 -15.18 17.40
N MET D 96 -0.14 -14.32 17.18
CA MET D 96 0.01 -12.91 17.49
C MET D 96 -1.34 -12.40 17.99
N TYR D 97 -1.30 -11.50 18.96
CA TYR D 97 -2.55 -11.01 19.51
C TYR D 97 -2.29 -9.62 20.07
N GLY D 98 -3.37 -8.87 20.25
CA GLY D 98 -3.23 -7.60 20.92
C GLY D 98 -4.39 -6.68 20.62
N CYS D 99 -4.17 -5.41 20.89
CA CYS D 99 -5.24 -4.43 20.77
C CYS D 99 -4.65 -3.15 20.18
N ASP D 100 -5.46 -2.47 19.38
CA ASP D 100 -5.13 -1.14 18.85
C ASP D 100 -6.17 -0.16 19.37
N ILE D 101 -5.71 1.03 19.78
CA ILE D 101 -6.60 2.14 20.09
C ILE D 101 -6.51 3.11 18.93
N LEU D 102 -7.57 3.22 18.14
CA LEU D 102 -7.56 4.11 16.99
C LEU D 102 -7.68 5.57 17.46
N GLU D 103 -7.43 6.49 16.53
CA GLU D 103 -7.47 7.91 16.90
C GLU D 103 -8.81 8.30 17.50
N ASP D 104 -9.92 7.82 16.91
CA ASP D 104 -11.25 8.10 17.46
C ASP D 104 -11.55 7.34 18.74
N GLY D 105 -10.59 6.56 19.26
CA GLY D 105 -10.77 5.83 20.51
C GLY D 105 -11.49 4.51 20.38
N THR D 106 -11.91 4.11 19.19
CA THR D 106 -12.43 2.76 19.04
C THR D 106 -11.31 1.74 19.15
N ILE D 107 -11.69 0.49 19.40
CA ILE D 107 -10.76 -0.57 19.74
C ILE D 107 -10.81 -1.66 18.66
N ARG D 108 -9.65 -2.08 18.22
CA ARG D 108 -9.52 -3.31 17.45
C ARG D 108 -8.74 -4.32 18.29
N GLY D 109 -9.21 -5.56 18.32
CA GLY D 109 -8.51 -6.62 19.03
C GLY D 109 -8.45 -7.86 18.16
N TYR D 110 -7.41 -8.67 18.39
CA TYR D 110 -7.17 -9.80 17.51
C TYR D 110 -6.36 -10.87 18.23
N ARG D 111 -6.53 -12.11 17.78
CA ARG D 111 -5.65 -13.21 18.18
C ARG D 111 -5.68 -14.23 17.06
N GLN D 112 -4.54 -14.44 16.42
CA GLN D 112 -4.53 -15.34 15.29
C GLN D 112 -3.29 -16.20 15.34
N TYR D 113 -3.39 -17.34 14.64
CA TYR D 113 -2.42 -18.41 14.68
C TYR D 113 -2.04 -18.81 13.27
N ALA D 114 -0.79 -19.19 13.11
CA ALA D 114 -0.33 -19.82 11.89
C ALA D 114 0.44 -21.08 12.24
N TYR D 115 0.39 -22.05 11.33
CA TYR D 115 1.21 -23.26 11.43
C TYR D 115 1.94 -23.44 10.11
N ASP D 116 3.26 -23.69 10.21
CA ASP D 116 4.12 -23.84 9.03
C ASP D 116 3.95 -22.70 8.04
N GLY D 117 3.81 -21.49 8.56
CA GLY D 117 3.72 -20.30 7.73
C GLY D 117 2.35 -20.01 7.14
N ARG D 118 1.35 -20.85 7.41
CA ARG D 118 0.02 -20.71 6.81
C ARG D 118 -0.99 -20.43 7.91
N ASP D 119 -2.02 -19.65 7.58
CA ASP D 119 -3.04 -19.34 8.57
C ASP D 119 -3.66 -20.62 9.10
N PHE D 120 -3.84 -20.67 10.42
CA PHE D 120 -4.46 -21.81 11.08
C PHE D 120 -5.83 -21.46 11.64
N ILE D 121 -5.90 -20.46 12.51
CA ILE D 121 -7.15 -20.13 13.18
C ILE D 121 -7.03 -18.71 13.70
N ALA D 122 -8.17 -18.04 13.82
CA ALA D 122 -8.22 -16.64 14.22
C ALA D 122 -9.48 -16.40 15.03
N PHE D 123 -9.38 -15.48 15.96
CA PHE D 123 -10.47 -15.15 16.87
C PHE D 123 -11.18 -13.90 16.36
N ASP D 124 -12.51 -13.91 16.42
CA ASP D 124 -13.28 -12.67 16.29
C ASP D 124 -13.88 -12.37 17.66
N LYS D 125 -13.34 -11.36 18.33
CA LYS D 125 -13.84 -11.06 19.67
C LYS D 125 -15.29 -10.59 19.64
N GLY D 126 -15.79 -10.11 18.51
CA GLY D 126 -17.15 -9.60 18.47
C GLY D 126 -18.19 -10.70 18.65
N THR D 127 -18.12 -11.70 17.79
CA THR D 127 -18.97 -12.88 17.89
C THR D 127 -18.44 -13.91 18.87
N MET D 128 -17.21 -13.74 19.36
CA MET D 128 -16.59 -14.66 20.32
C MET D 128 -16.45 -16.07 19.76
N THR D 129 -16.16 -16.18 18.47
CA THR D 129 -15.94 -17.47 17.82
C THR D 129 -14.54 -17.50 17.23
N PHE D 130 -14.04 -18.70 17.01
CA PHE D 130 -12.81 -18.91 16.26
C PHE D 130 -13.16 -19.39 14.86
N THR D 131 -12.42 -18.91 13.89
CA THR D 131 -12.65 -19.29 12.50
C THR D 131 -11.46 -20.11 12.03
N ALA D 132 -11.73 -21.38 11.73
CA ALA D 132 -10.69 -22.26 11.23
C ALA D 132 -10.34 -21.86 9.80
N ALA D 133 -9.04 -21.64 9.54
CA ALA D 133 -8.60 -21.34 8.17
C ALA D 133 -8.57 -22.60 7.31
N VAL D 134 -8.37 -23.75 7.93
CA VAL D 134 -8.16 -25.04 7.26
C VAL D 134 -8.87 -26.12 8.06
N PRO D 135 -9.15 -27.27 7.43
CA PRO D 135 -9.87 -28.32 8.18
C PRO D 135 -9.12 -28.77 9.42
N GLU D 136 -7.78 -28.71 9.40
CA GLU D 136 -7.00 -29.14 10.55
C GLU D 136 -7.27 -28.31 11.80
N ALA D 137 -7.88 -27.13 11.66
CA ALA D 137 -8.17 -26.30 12.82
C ALA D 137 -9.57 -26.52 13.41
N VAL D 138 -10.42 -27.27 12.71
CA VAL D 138 -11.80 -27.47 13.19
C VAL D 138 -11.84 -28.12 14.56
N PRO D 139 -11.05 -29.15 14.89
CA PRO D 139 -11.09 -29.67 16.27
C PRO D 139 -10.70 -28.65 17.33
N THR D 140 -9.76 -27.75 17.01
CA THR D 140 -9.33 -26.76 18.00
C THR D 140 -10.40 -25.68 18.18
N LYS D 141 -11.00 -25.23 17.08
CA LYS D 141 -12.16 -24.34 17.17
C LYS D 141 -13.19 -24.90 18.12
N ARG D 142 -13.54 -26.17 17.96
CA ARG D 142 -14.53 -26.77 18.84
C ARG D 142 -14.07 -26.73 20.30
N LYS D 143 -12.81 -27.07 20.55
CA LYS D 143 -12.32 -27.12 21.93
C LYS D 143 -12.31 -25.74 22.56
N TRP D 144 -11.84 -24.74 21.80
CA TRP D 144 -11.68 -23.40 22.34
C TRP D 144 -12.98 -22.63 22.51
N GLU D 145 -14.07 -23.08 21.88
CA GLU D 145 -15.36 -22.41 22.07
C GLU D 145 -16.16 -23.02 23.21
N GLU D 146 -15.63 -24.08 23.83
CA GLU D 146 -16.20 -24.59 25.06
C GLU D 146 -15.68 -23.79 26.25
N GLY D 147 -16.54 -23.61 27.24
CA GLY D 147 -16.12 -23.08 28.52
C GLY D 147 -15.95 -21.57 28.56
N ASP D 148 -15.09 -21.16 29.49
CA ASP D 148 -14.79 -19.76 29.80
C ASP D 148 -13.91 -19.08 28.76
N TYR D 149 -13.21 -19.86 27.93
CA TYR D 149 -12.00 -19.36 27.28
C TYR D 149 -12.30 -18.18 26.37
N ALA D 150 -13.28 -18.32 25.48
CA ALA D 150 -13.58 -17.25 24.54
C ALA D 150 -14.05 -15.99 25.25
N GLU D 151 -14.85 -16.12 26.31
CA GLU D 151 -15.29 -14.91 27.01
C GLU D 151 -14.13 -14.20 27.69
N GLY D 152 -13.21 -14.95 28.29
CA GLY D 152 -12.05 -14.31 28.91
C GLY D 152 -11.13 -13.65 27.90
N LEU D 153 -10.93 -14.30 26.75
CA LEU D 153 -10.13 -13.71 25.67
C LEU D 153 -10.74 -12.41 25.19
N LYS D 154 -12.05 -12.42 24.91
CA LYS D 154 -12.73 -11.20 24.48
C LYS D 154 -12.57 -10.09 25.51
N GLN D 155 -12.71 -10.43 26.80
CA GLN D 155 -12.56 -9.43 27.85
C GLN D 155 -11.13 -8.87 27.88
N TYR D 156 -10.13 -9.74 27.69
CA TYR D 156 -8.76 -9.25 27.68
C TYR D 156 -8.55 -8.30 26.51
N LEU D 157 -8.99 -8.68 25.31
CA LEU D 157 -8.71 -7.88 24.13
C LEU D 157 -9.44 -6.54 24.16
N GLU D 158 -10.63 -6.46 24.76
CA GLU D 158 -11.40 -5.22 24.75
C GLU D 158 -11.11 -4.30 25.94
N GLU D 159 -10.62 -4.83 27.05
CA GLU D 159 -10.51 -4.00 28.24
C GLU D 159 -9.11 -4.10 28.83
N THR D 160 -8.69 -5.30 29.19
CA THR D 160 -7.42 -5.48 29.87
C THR D 160 -6.24 -5.06 29.01
N CYS D 161 -6.20 -5.55 27.77
CA CYS D 161 -5.16 -5.14 26.84
C CYS D 161 -5.12 -3.62 26.68
N VAL D 162 -6.29 -3.00 26.51
CA VAL D 162 -6.37 -1.56 26.30
C VAL D 162 -5.89 -0.80 27.53
N GLU D 163 -6.30 -1.27 28.72
CA GLU D 163 -5.90 -0.63 29.97
C GLU D 163 -4.40 -0.60 30.11
N TRP D 164 -3.74 -1.73 29.84
CA TRP D 164 -2.28 -1.77 29.94
C TRP D 164 -1.63 -0.92 28.86
N LEU D 165 -2.15 -0.99 27.63
CA LEU D 165 -1.57 -0.19 26.55
C LEU D 165 -1.57 1.30 26.90
N ARG D 166 -2.67 1.79 27.49
CA ARG D 166 -2.71 3.19 27.88
C ARG D 166 -1.62 3.51 28.89
N ARG D 167 -1.37 2.59 29.82
CA ARG D 167 -0.29 2.79 30.77
C ARG D 167 1.07 2.79 30.08
N TYR D 168 1.30 1.82 29.19
CA TYR D 168 2.59 1.72 28.51
C TYR D 168 2.89 2.97 27.70
N VAL D 169 1.86 3.52 27.04
CA VAL D 169 2.06 4.73 26.24
C VAL D 169 2.54 5.86 27.13
N GLU D 170 1.99 5.96 28.34
CA GLU D 170 2.43 7.00 29.28
C GLU D 170 3.83 6.72 29.79
N TYR D 171 4.15 5.47 30.14
CA TYR D 171 5.50 5.15 30.59
C TYR D 171 6.53 5.51 29.53
N GLY D 172 6.22 5.23 28.27
CA GLY D 172 7.16 5.36 27.18
C GLY D 172 7.04 6.64 26.37
N LYS D 173 6.26 7.61 26.84
CA LYS D 173 5.88 8.75 26.01
C LYS D 173 7.11 9.55 25.58
N ALA D 174 8.02 9.81 26.52
CA ALA D 174 9.20 10.58 26.20
C ALA D 174 10.06 9.87 25.16
N GLU D 175 10.30 8.56 25.35
CA GLU D 175 11.19 7.85 24.44
C GLU D 175 10.52 7.61 23.09
N LEU D 176 9.24 7.27 23.10
CA LEU D 176 8.50 7.05 21.85
C LEU D 176 8.32 8.33 21.07
N GLY D 177 8.33 9.49 21.72
CA GLY D 177 8.16 10.77 21.06
C GLY D 177 9.44 11.50 20.71
N ARG D 178 10.59 10.88 20.88
CA ARG D 178 11.84 11.57 20.59
C ARG D 178 12.03 11.72 19.08
N ARG D 179 12.96 12.59 18.70
CA ARG D 179 13.39 12.71 17.31
C ARG D 179 14.89 12.48 17.26
N GLU D 180 15.32 11.71 16.26
CA GLU D 180 16.72 11.56 15.90
C GLU D 180 16.81 11.81 14.41
N ARG D 181 17.65 12.74 14.04
CA ARG D 181 17.69 13.19 12.65
C ARG D 181 18.63 12.29 11.85
N PRO D 182 18.22 11.82 10.68
CA PRO D 182 19.09 10.95 9.89
C PRO D 182 20.31 11.69 9.37
N GLU D 183 21.39 10.93 9.18
CA GLU D 183 22.49 11.37 8.34
C GLU D 183 22.29 10.76 6.97
N VAL D 184 22.28 11.59 5.94
CA VAL D 184 21.91 11.16 4.59
C VAL D 184 23.17 11.12 3.73
N ARG D 185 23.36 10.03 3.00
CA ARG D 185 24.42 9.97 1.99
C ARG D 185 23.83 9.56 0.66
N VAL D 186 24.23 10.28 -0.38
CA VAL D 186 23.95 9.91 -1.76
C VAL D 186 25.23 9.33 -2.33
N TRP D 187 25.11 8.24 -3.08
CA TRP D 187 26.29 7.57 -3.62
C TRP D 187 25.93 7.03 -5.00
N GLY D 188 26.79 7.28 -5.98
CA GLY D 188 26.55 6.87 -7.35
C GLY D 188 27.61 5.91 -7.82
N LYS D 189 27.18 4.85 -8.50
CA LYS D 189 28.11 3.91 -9.13
C LYS D 189 27.63 3.61 -10.54
N GLU D 190 28.55 3.59 -11.49
CA GLU D 190 28.21 3.26 -12.87
C GLU D 190 28.75 1.87 -13.24
N ALA D 191 27.92 1.11 -13.94
CA ALA D 191 28.29 -0.19 -14.49
C ALA D 191 27.49 -0.40 -15.76
N ASP D 192 28.17 -0.85 -16.82
CA ASP D 192 27.53 -1.23 -18.08
C ASP D 192 26.68 -0.11 -18.64
N GLY D 193 27.16 1.12 -18.50
CA GLY D 193 26.47 2.26 -19.07
C GLY D 193 25.26 2.71 -18.29
N ILE D 194 25.10 2.28 -17.04
CA ILE D 194 23.98 2.71 -16.21
C ILE D 194 24.53 3.26 -14.91
N LEU D 195 24.09 4.46 -14.55
CA LEU D 195 24.43 5.07 -13.27
C LEU D 195 23.35 4.74 -12.26
N THR D 196 23.71 4.01 -11.20
CA THR D 196 22.77 3.71 -10.13
C THR D 196 23.00 4.72 -9.00
N LEU D 197 22.01 5.57 -8.76
CA LEU D 197 22.05 6.57 -7.71
C LEU D 197 21.43 5.99 -6.44
N SER D 198 22.18 6.04 -5.36
CA SER D 198 21.73 5.50 -4.08
C SER D 198 21.52 6.66 -3.10
N CYS D 199 20.42 6.61 -2.36
CA CYS D 199 20.18 7.54 -1.27
C CYS D 199 19.90 6.76 -0.01
N ARG D 200 20.68 7.02 1.06
CA ARG D 200 20.54 6.31 2.33
C ARG D 200 20.35 7.30 3.46
N ALA D 201 19.31 7.08 4.26
CA ALA D 201 19.07 7.82 5.49
C ALA D 201 19.48 6.94 6.66
N HIS D 202 20.52 7.37 7.39
CA HIS D 202 21.13 6.60 8.48
C HIS D 202 20.66 7.15 9.83
N GLY D 203 19.96 6.33 10.61
CA GLY D 203 19.79 6.63 12.04
C GLY D 203 18.62 7.52 12.40
N PHE D 204 17.51 7.40 11.71
CA PHE D 204 16.40 8.27 12.01
C PHE D 204 15.47 7.63 13.02
N TYR D 205 14.76 8.49 13.76
CA TYR D 205 13.69 8.09 14.67
C TYR D 205 12.74 9.27 14.80
N PRO D 206 11.42 9.06 14.68
CA PRO D 206 10.75 7.75 14.64
C PRO D 206 10.78 7.04 13.28
N ARG D 207 10.12 5.87 13.25
CA ARG D 207 10.22 4.99 12.09
C ARG D 207 9.69 5.56 10.78
N PRO D 208 8.57 6.29 10.73
CA PRO D 208 8.05 6.73 9.42
C PRO D 208 8.97 7.73 8.75
N ILE D 209 9.11 7.61 7.43
CA ILE D 209 9.97 8.49 6.66
C ILE D 209 9.56 8.39 5.21
N ALA D 210 9.73 9.48 4.48
CA ALA D 210 9.55 9.48 3.03
C ALA D 210 10.91 9.79 2.41
N VAL D 211 11.48 8.84 1.69
CA VAL D 211 12.70 9.06 0.94
C VAL D 211 12.39 8.77 -0.51
N SER D 212 12.58 9.75 -1.39
CA SER D 212 12.24 9.54 -2.79
C SER D 212 13.27 10.16 -3.72
N TRP D 213 13.34 9.60 -4.91
CA TRP D 213 14.15 10.17 -5.97
C TRP D 213 13.29 11.06 -6.84
N LEU D 214 13.71 12.31 -6.97
CA LEU D 214 13.16 13.23 -7.96
C LEU D 214 14.08 13.27 -9.18
N LYS D 215 13.46 13.45 -10.35
CA LYS D 215 14.16 13.82 -11.58
C LYS D 215 13.47 15.06 -12.12
N ASP D 216 14.27 16.09 -12.40
CA ASP D 216 13.73 17.38 -12.84
C ASP D 216 12.67 17.86 -11.85
N GLY D 217 12.92 17.56 -10.57
CA GLY D 217 12.09 18.01 -9.47
C GLY D 217 10.84 17.18 -9.22
N ASP D 223 10.06 3.88 -10.92
CA ASP D 223 11.49 3.77 -11.22
C ASP D 223 12.33 3.45 -9.97
N ALA D 224 11.96 4.03 -8.83
CA ALA D 224 12.78 3.93 -7.64
C ALA D 224 12.61 2.58 -6.95
N GLN D 225 13.70 2.05 -6.42
CA GLN D 225 13.66 0.79 -5.68
C GLN D 225 14.10 1.03 -4.25
N SER D 226 13.23 0.67 -3.31
CA SER D 226 13.45 0.91 -1.90
C SER D 226 13.68 -0.41 -1.18
N GLY D 227 14.62 -0.42 -0.25
CA GLY D 227 14.78 -1.52 0.67
C GLY D 227 13.82 -1.51 1.83
N GLY D 228 12.90 -0.56 1.88
CA GLY D 228 12.04 -0.46 3.04
C GLY D 228 12.79 0.17 4.22
N ILE D 229 12.08 0.23 5.34
CA ILE D 229 12.61 0.83 6.55
C ILE D 229 13.09 -0.30 7.45
N VAL D 230 14.38 -0.31 7.77
CA VAL D 230 15.03 -1.45 8.42
C VAL D 230 15.74 -1.01 9.69
N PRO D 231 15.93 -1.89 10.67
CA PRO D 231 16.44 -1.44 11.98
C PRO D 231 17.97 -1.35 12.03
N ASN D 232 18.43 -0.37 12.79
CA ASN D 232 19.78 -0.40 13.33
C ASN D 232 19.75 -1.11 14.68
N GLY D 233 20.95 -1.36 15.22
CA GLY D 233 21.03 -2.02 16.51
C GLY D 233 20.63 -1.17 17.70
N ASP D 234 20.59 0.15 17.54
CA ASP D 234 20.40 1.07 18.66
C ASP D 234 18.98 1.64 18.74
N GLY D 235 18.03 1.05 18.04
CA GLY D 235 16.67 1.54 18.10
C GLY D 235 16.34 2.67 17.14
N THR D 236 17.26 3.10 16.28
CA THR D 236 16.94 3.97 15.15
C THR D 236 16.78 3.13 13.88
N TYR D 237 16.44 3.80 12.78
CA TYR D 237 16.11 3.11 11.54
C TYR D 237 16.98 3.59 10.39
N HIS D 238 16.90 2.83 9.30
CA HIS D 238 17.71 3.04 8.11
C HIS D 238 16.82 2.80 6.91
N THR D 239 17.07 3.51 5.82
CA THR D 239 16.40 3.12 4.59
C THR D 239 17.30 3.50 3.41
N TRP D 240 17.22 2.69 2.35
CA TRP D 240 17.93 3.05 1.12
C TRP D 240 17.03 2.87 -0.08
N VAL D 241 17.13 3.84 -0.98
CA VAL D 241 16.33 3.89 -2.20
C VAL D 241 17.27 4.21 -3.36
N THR D 242 17.19 3.42 -4.43
CA THR D 242 18.02 3.64 -5.60
C THR D 242 17.17 3.99 -6.81
N ILE D 243 17.82 4.58 -7.81
CA ILE D 243 17.20 4.79 -9.11
C ILE D 243 18.31 4.70 -10.16
N ASP D 244 17.93 4.24 -11.35
CA ASP D 244 18.87 4.10 -12.45
C ASP D 244 18.76 5.31 -13.37
N ALA D 245 19.92 5.85 -13.77
CA ALA D 245 19.98 7.07 -14.58
C ALA D 245 21.02 6.90 -15.67
N GLN D 246 21.01 7.84 -16.62
CA GLN D 246 22.07 7.83 -17.63
C GLN D 246 23.36 8.37 -17.04
N PRO D 247 24.51 7.78 -17.36
CA PRO D 247 25.79 8.32 -16.86
C PRO D 247 25.98 9.76 -17.31
N GLY D 248 26.50 10.58 -16.41
CA GLY D 248 26.63 11.99 -16.70
C GLY D 248 25.36 12.80 -16.56
N ASP D 249 24.23 12.16 -16.20
CA ASP D 249 22.96 12.85 -16.03
C ASP D 249 22.60 13.06 -14.57
N GLY D 250 23.57 12.91 -13.66
CA GLY D 250 23.28 12.94 -12.23
C GLY D 250 22.64 14.24 -11.75
N ASP D 251 22.92 15.36 -12.43
CA ASP D 251 22.42 16.64 -11.94
C ASP D 251 20.91 16.82 -12.12
N LYS D 252 20.26 15.94 -12.88
CA LYS D 252 18.80 16.01 -12.99
C LYS D 252 18.09 15.43 -11.77
N TYR D 253 18.80 14.67 -10.94
CA TYR D 253 18.19 13.88 -9.88
C TYR D 253 18.50 14.46 -8.50
N GLN D 254 17.51 14.37 -7.62
CA GLN D 254 17.68 14.74 -6.22
C GLN D 254 16.99 13.71 -5.35
N CYS D 255 17.63 13.38 -4.24
CA CYS D 255 17.02 12.56 -3.20
C CYS D 255 16.37 13.48 -2.17
N ARG D 256 15.08 13.28 -1.95
CA ARG D 256 14.29 14.08 -1.02
C ARG D 256 13.93 13.25 0.20
N VAL D 257 14.24 13.76 1.37
CA VAL D 257 14.01 13.05 2.64
C VAL D 257 13.07 13.91 3.46
N GLU D 258 11.90 13.35 3.80
CA GLU D 258 10.91 14.04 4.63
C GLU D 258 10.75 13.23 5.91
N HIS D 259 10.97 13.87 7.05
CA HIS D 259 11.00 13.15 8.32
C HIS D 259 10.62 14.11 9.43
N ALA D 260 10.09 13.56 10.52
CA ALA D 260 9.66 14.40 11.65
C ALA D 260 10.82 15.23 12.20
N SER D 261 12.07 14.77 12.03
CA SER D 261 13.25 15.42 12.59
C SER D 261 13.78 16.55 11.71
N LEU D 262 13.22 16.75 10.53
CA LEU D 262 13.74 17.73 9.59
C LEU D 262 12.68 18.79 9.35
N PRO D 263 12.87 20.04 9.81
CA PRO D 263 11.78 21.01 9.68
C PRO D 263 11.40 21.27 8.22
N GLN D 264 12.36 21.23 7.31
CA GLN D 264 12.05 21.21 5.89
C GLN D 264 12.68 19.97 5.25
N PRO D 265 12.11 19.46 4.17
CA PRO D 265 12.69 18.26 3.53
C PRO D 265 14.15 18.50 3.18
N GLY D 266 14.97 17.49 3.39
CA GLY D 266 16.35 17.55 2.91
C GLY D 266 16.40 17.18 1.44
N LEU D 267 17.29 17.85 0.71
CA LEU D 267 17.48 17.59 -0.72
C LEU D 267 18.97 17.33 -0.95
N TYR D 268 19.26 16.20 -1.58
CA TYR D 268 20.63 15.75 -1.69
C TYR D 268 20.89 15.33 -3.13
N SER D 269 22.11 15.61 -3.60
CA SER D 269 22.47 15.51 -5.01
C SER D 269 23.75 14.70 -5.14
N TRP D 270 23.97 14.17 -6.35
CA TRP D 270 25.21 13.48 -6.66
C TRP D 270 26.09 14.36 -7.54
N ASP E 1 7.35 -16.18 -2.35
CA ASP E 1 8.77 -16.38 -2.16
C ASP E 1 9.11 -16.30 -0.66
N LEU E 2 9.66 -17.37 -0.09
CA LEU E 2 10.05 -17.37 1.32
C LEU E 2 11.56 -17.34 1.51
N THR E 3 12.31 -16.91 0.47
CA THR E 3 13.75 -16.73 0.61
C THR E 3 14.05 -15.44 1.38
N PRO E 4 15.16 -15.38 2.12
CA PRO E 4 15.49 -14.16 2.86
C PRO E 4 15.80 -13.02 1.91
N LYS E 5 15.22 -11.86 2.17
CA LYS E 5 15.61 -10.63 1.49
C LYS E 5 16.60 -9.92 2.40
N VAL E 6 17.82 -9.69 1.91
CA VAL E 6 18.96 -9.33 2.75
C VAL E 6 19.50 -7.98 2.33
N GLN E 7 19.86 -7.16 3.33
CA GLN E 7 20.49 -5.86 3.12
C GLN E 7 21.62 -5.69 4.12
N VAL E 8 22.72 -5.12 3.66
CA VAL E 8 23.89 -4.86 4.51
C VAL E 8 24.18 -3.36 4.45
N TYR E 9 24.43 -2.75 5.62
CA TYR E 9 24.53 -1.31 5.72
C TYR E 9 25.19 -0.97 7.04
N SER E 10 25.83 0.20 7.08
CA SER E 10 26.48 0.62 8.32
C SER E 10 25.56 1.58 9.07
N ARG E 11 25.77 1.64 10.39
CA ARG E 11 24.93 2.48 11.24
C ARG E 11 25.05 3.97 10.85
N PHE E 12 26.29 4.45 10.68
CA PHE E 12 26.55 5.79 10.20
C PHE E 12 27.14 5.72 8.80
N PRO E 13 26.98 6.77 8.01
CA PRO E 13 27.73 6.86 6.75
C PRO E 13 29.22 6.71 7.06
N ALA E 14 29.87 5.79 6.37
CA ALA E 14 31.17 5.31 6.79
C ALA E 14 32.29 6.24 6.33
N SER E 15 33.38 6.26 7.10
CA SER E 15 34.63 6.94 6.77
C SER E 15 35.77 6.05 7.24
N ALA E 16 36.89 6.10 6.52
CA ALA E 16 38.01 5.25 6.91
C ALA E 16 38.53 5.68 8.28
N GLY E 17 38.77 4.69 9.14
CA GLY E 17 39.30 4.96 10.47
C GLY E 17 38.29 5.40 11.51
N THR E 18 37.01 5.52 11.17
CA THR E 18 36.01 6.04 12.08
C THR E 18 35.11 4.91 12.57
N LYS E 19 34.92 4.83 13.89
CA LYS E 19 34.14 3.78 14.52
C LYS E 19 32.73 3.75 13.97
N ASN E 20 32.21 2.55 13.75
CA ASN E 20 30.91 2.36 13.12
C ASN E 20 30.31 1.05 13.61
N VAL E 21 29.18 0.68 13.03
CA VAL E 21 28.54 -0.60 13.29
C VAL E 21 28.10 -1.14 11.95
N LEU E 22 28.38 -2.41 11.70
CA LEU E 22 27.96 -3.06 10.46
C LEU E 22 26.72 -3.89 10.74
N ASN E 23 25.72 -3.75 9.87
CA ASN E 23 24.40 -4.35 10.04
C ASN E 23 24.10 -5.27 8.87
N CYS E 24 23.51 -6.43 9.18
CA CYS E 24 22.91 -7.26 8.14
C CYS E 24 21.49 -7.63 8.56
N PHE E 25 20.51 -7.28 7.73
CA PHE E 25 19.10 -7.49 8.07
C PHE E 25 18.51 -8.43 7.04
N ALA E 26 17.95 -9.53 7.50
CA ALA E 26 17.28 -10.48 6.64
C ALA E 26 15.80 -10.51 7.00
N ALA E 27 14.93 -10.48 5.99
CA ALA E 27 13.50 -10.49 6.28
C ALA E 27 12.76 -11.25 5.19
N GLY E 28 11.49 -11.53 5.48
CA GLY E 28 10.60 -12.17 4.53
C GLY E 28 10.74 -13.66 4.42
N PHE E 29 11.43 -14.32 5.34
CA PHE E 29 11.79 -15.71 5.14
C PHE E 29 11.01 -16.65 6.04
N HIS E 30 10.97 -17.93 5.62
CA HIS E 30 10.39 -19.06 6.34
C HIS E 30 11.06 -20.33 5.82
N PRO E 31 11.41 -21.28 6.68
CA PRO E 31 11.25 -21.35 8.13
C PRO E 31 12.17 -20.38 8.86
N PRO E 32 12.04 -20.30 10.18
CA PRO E 32 12.80 -19.28 10.95
C PRO E 32 14.29 -19.58 11.12
N LYS E 33 14.69 -20.86 11.13
CA LYS E 33 16.12 -21.15 11.22
C LYS E 33 16.86 -20.48 10.07
N ILE E 34 17.94 -19.75 10.40
CA ILE E 34 18.74 -19.08 9.38
C ILE E 34 20.13 -18.87 9.93
N SER E 35 21.11 -18.87 9.05
CA SER E 35 22.46 -18.46 9.39
C SER E 35 22.75 -17.12 8.74
N ILE E 36 23.17 -16.16 9.55
CA ILE E 36 23.51 -14.82 9.10
C ILE E 36 24.85 -14.49 9.76
N THR E 37 25.88 -14.25 8.94
CA THR E 37 27.23 -14.09 9.47
C THR E 37 27.90 -12.87 8.83
N LEU E 38 28.29 -11.91 9.68
CA LEU E 38 29.02 -10.75 9.22
C LEU E 38 30.49 -11.13 9.01
N MET E 39 31.07 -10.71 7.89
CA MET E 39 32.38 -11.15 7.44
C MET E 39 33.28 -9.96 7.11
N LYS E 40 34.55 -10.06 7.51
CA LYS E 40 35.60 -9.15 7.06
C LYS E 40 36.68 -9.96 6.38
N ASP E 41 36.91 -9.67 5.09
CA ASP E 41 37.93 -10.37 4.31
C ASP E 41 37.77 -11.89 4.42
N GLY E 42 36.51 -12.34 4.36
CA GLY E 42 36.21 -13.76 4.46
C GLY E 42 36.24 -14.37 5.85
N VAL E 43 36.63 -13.62 6.88
CA VAL E 43 36.65 -14.19 8.22
C VAL E 43 35.50 -13.59 9.03
N PRO E 44 34.86 -14.37 9.88
CA PRO E 44 33.75 -13.84 10.67
C PRO E 44 34.19 -12.71 11.59
N MET E 45 33.44 -11.62 11.57
CA MET E 45 33.75 -10.47 12.40
C MET E 45 33.44 -10.76 13.87
N GLU E 46 34.25 -10.17 14.76
CA GLU E 46 34.05 -10.29 16.19
C GLU E 46 32.88 -9.43 16.65
N GLY E 47 32.32 -9.78 17.80
CA GLY E 47 31.41 -8.91 18.51
C GLY E 47 30.00 -8.86 17.98
N ALA E 48 29.58 -9.87 17.21
CA ALA E 48 28.27 -9.83 16.57
C ALA E 48 27.15 -10.12 17.57
N GLN E 49 26.05 -9.40 17.41
CA GLN E 49 24.84 -9.59 18.19
C GLN E 49 23.66 -9.82 17.25
N TYR E 50 22.72 -10.65 17.70
CA TYR E 50 21.63 -11.16 16.89
C TYR E 50 20.30 -10.80 17.56
N SER E 51 19.36 -10.34 16.73
CA SER E 51 18.00 -10.04 17.17
C SER E 51 17.32 -11.31 17.66
N ASP E 52 16.49 -11.20 18.70
CA ASP E 52 15.64 -12.33 19.07
C ASP E 52 14.62 -12.59 17.97
N MET E 53 14.34 -13.87 17.71
CA MET E 53 13.52 -14.26 16.55
C MET E 53 12.14 -13.62 16.64
N SER E 54 11.72 -12.99 15.54
CA SER E 54 10.54 -12.16 15.47
C SER E 54 9.96 -12.26 14.07
N PHE E 55 8.68 -11.90 13.90
CA PHE E 55 8.08 -12.01 12.59
C PHE E 55 7.11 -10.85 12.32
N ASN E 56 6.81 -10.65 11.03
CA ASN E 56 6.00 -9.53 10.60
C ASN E 56 4.52 -9.93 10.52
N ASP E 57 3.68 -8.97 10.08
CA ASP E 57 2.23 -9.20 10.01
C ASP E 57 1.89 -10.33 9.04
N ASP E 58 2.75 -10.60 8.07
CA ASP E 58 2.48 -11.65 7.09
C ASP E 58 3.04 -13.01 7.51
N TRP E 59 3.48 -13.13 8.76
CA TRP E 59 4.05 -14.32 9.40
C TRP E 59 5.50 -14.58 8.99
N THR E 60 6.09 -13.79 8.08
CA THR E 60 7.46 -14.04 7.65
C THR E 60 8.44 -13.51 8.71
N PHE E 61 9.54 -14.23 8.87
CA PHE E 61 10.49 -13.93 9.92
C PHE E 61 11.50 -12.89 9.46
N GLN E 62 12.16 -12.27 10.44
CA GLN E 62 13.21 -11.30 10.18
C GLN E 62 14.23 -11.37 11.32
N ARG E 63 15.46 -10.95 11.01
CA ARG E 63 16.51 -10.92 12.01
C ARG E 63 17.55 -9.87 11.62
N LEU E 64 18.07 -9.19 12.62
CA LEU E 64 19.13 -8.21 12.45
C LEU E 64 20.39 -8.72 13.15
N VAL E 65 21.52 -8.67 12.44
CA VAL E 65 22.84 -8.97 13.01
C VAL E 65 23.67 -7.69 12.91
N HIS E 66 24.38 -7.35 13.98
CA HIS E 66 25.19 -6.15 13.97
C HIS E 66 26.45 -6.32 14.84
N ALA E 67 27.52 -5.65 14.42
CA ALA E 67 28.81 -5.73 15.10
C ALA E 67 29.51 -4.39 14.99
N ASP E 68 30.04 -3.90 16.12
CA ASP E 68 30.87 -2.71 16.09
C ASP E 68 32.12 -2.99 15.26
N PHE E 69 32.49 -2.04 14.41
CA PHE E 69 33.70 -2.19 13.61
C PHE E 69 34.20 -0.81 13.22
N THR E 70 35.47 -0.78 12.81
CA THR E 70 36.08 0.42 12.24
C THR E 70 36.54 0.05 10.84
N PRO E 71 35.90 0.56 9.80
CA PRO E 71 36.22 0.08 8.45
C PRO E 71 37.67 0.39 8.11
N SER E 72 38.35 -0.61 7.56
CA SER E 72 39.75 -0.51 7.15
C SER E 72 39.79 -0.33 5.65
N SER E 73 40.67 0.56 5.19
CA SER E 73 40.83 0.71 3.75
C SER E 73 41.39 -0.58 3.18
N GLY E 74 40.86 -0.99 2.04
CA GLY E 74 41.34 -2.22 1.45
C GLY E 74 40.80 -3.51 2.06
N SER E 75 39.98 -3.42 3.10
CA SER E 75 39.26 -4.61 3.53
C SER E 75 37.92 -4.68 2.83
N THR E 76 37.37 -5.89 2.75
CA THR E 76 36.06 -6.14 2.18
C THR E 76 35.15 -6.68 3.28
N TYR E 77 33.92 -6.16 3.38
CA TYR E 77 32.97 -6.60 4.37
C TYR E 77 31.74 -7.18 3.69
N ALA E 78 31.14 -8.18 4.32
CA ALA E 78 29.96 -8.80 3.72
C ALA E 78 29.15 -9.52 4.80
N CYS E 79 27.97 -9.95 4.39
CA CYS E 79 27.11 -10.77 5.23
C CYS E 79 26.75 -12.02 4.44
N LYS E 80 26.99 -13.18 5.04
CA LYS E 80 26.76 -14.44 4.35
C LYS E 80 25.55 -15.12 4.96
N VAL E 81 24.58 -15.48 4.11
CA VAL E 81 23.29 -16.00 4.57
C VAL E 81 23.12 -17.42 4.06
N GLU E 82 22.75 -18.33 4.97
CA GLU E 82 22.39 -19.69 4.62
C GLU E 82 20.96 -19.95 5.05
N HIS E 83 20.16 -20.51 4.14
CA HIS E 83 18.76 -20.78 4.45
C HIS E 83 18.28 -21.94 3.59
N GLU E 84 17.36 -22.72 4.15
CA GLU E 84 16.81 -23.88 3.46
C GLU E 84 16.26 -23.54 2.08
N THR E 85 15.75 -22.33 1.89
CA THR E 85 15.22 -21.97 0.58
C THR E 85 16.31 -21.77 -0.46
N LEU E 86 17.57 -21.67 -0.05
CA LEU E 86 18.65 -21.32 -0.95
C LEU E 86 19.49 -22.56 -1.28
N LYS E 87 19.87 -22.69 -2.54
CA LYS E 87 20.68 -23.84 -2.95
C LYS E 87 22.13 -23.70 -2.54
N GLU E 88 22.66 -22.48 -2.57
CA GLU E 88 23.99 -22.16 -2.08
C GLU E 88 23.90 -20.98 -1.14
N PRO E 89 24.82 -20.87 -0.18
CA PRO E 89 24.86 -19.66 0.66
C PRO E 89 24.93 -18.42 -0.23
N GLN E 90 24.45 -17.30 0.29
CA GLN E 90 24.45 -16.06 -0.46
C GLN E 90 25.25 -15.01 0.29
N VAL E 91 26.07 -14.26 -0.45
CA VAL E 91 26.99 -13.30 0.13
C VAL E 91 26.61 -11.92 -0.37
N TYR E 92 26.39 -11.00 0.56
CA TYR E 92 25.98 -9.64 0.23
C TYR E 92 27.11 -8.72 0.65
N LYS E 93 27.76 -8.10 -0.33
CA LYS E 93 28.91 -7.25 -0.05
C LYS E 93 28.44 -5.90 0.50
N TRP E 94 29.10 -5.43 1.56
CA TRP E 94 28.86 -4.06 2.01
C TRP E 94 29.51 -3.08 1.05
N ASP E 95 28.78 -2.02 0.68
CA ASP E 95 29.37 -0.92 -0.05
C ASP E 95 29.76 0.16 0.95
N PRO E 96 31.06 0.44 1.16
CA PRO E 96 31.43 1.53 2.09
C PRO E 96 30.90 2.89 1.68
N GLU E 97 30.65 3.12 0.39
CA GLU E 97 30.19 4.41 -0.11
C GLU E 97 31.15 5.52 0.30
N PHE E 98 32.45 5.19 0.27
CA PHE E 98 33.51 6.19 0.32
C PHE E 98 34.75 5.64 -0.38
N ARG F 1 0.12 -6.37 29.27
CA ARG F 1 0.47 -7.63 29.90
C ARG F 1 0.00 -8.77 29.02
N ARG F 2 0.79 -9.83 28.98
CA ARG F 2 0.49 -10.99 28.17
C ARG F 2 -0.82 -11.63 28.61
N ARG F 3 -1.41 -12.42 27.71
CA ARG F 3 -2.64 -13.14 28.06
C ARG F 3 -2.47 -14.60 27.69
N GLU F 4 -2.81 -15.49 28.63
CA GLU F 4 -2.64 -16.93 28.41
C GLU F 4 -3.49 -17.41 27.24
N GLN F 5 -3.05 -18.48 26.59
CA GLN F 5 -3.90 -19.22 25.66
C GLN F 5 -4.43 -20.46 26.40
N THR F 6 -4.80 -21.50 25.65
CA THR F 6 -5.22 -22.76 26.27
C THR F 6 -4.88 -23.91 25.32
N ASP F 7 -4.93 -25.13 25.85
CA ASP F 7 -4.42 -26.28 25.13
C ASP F 7 -5.16 -26.51 23.82
N TYR F 8 -4.41 -26.91 22.78
CA TYR F 8 -4.93 -27.11 21.42
C TYR F 8 -5.82 -28.35 21.28
#